data_4G3U
#
_entry.id   4G3U
#
_cell.length_a   105.152
_cell.length_b   65.808
_cell.length_c   108.504
_cell.angle_alpha   90.000
_cell.angle_beta   109.000
_cell.angle_gamma   90.000
#
_symmetry.space_group_name_H-M   'P 1 21 1'
#
loop_
_entity.id
_entity.type
_entity.pdbx_description
1 polymer 'oxidoreductase DprE1'
2 water water
#
_entity_poly.entity_id   1
_entity_poly.type   'polypeptide(L)'
_entity_poly.pdbx_seq_one_letter_code
;SYGDNAQNGGGLVIDMPALNRIHSIDSGTRLVDVDAGVSLDQLMKAALPHGLWVPVLPGTRQVTVGGAIGCDIHGKNHHS
AGSFGNHVRSMELLTANGEVRHLTPAGPDSDLFWATVGGNGLTGIILRATIEMTPTETAYFIADGDVTGSLDETIAFHSD
GSEANYTYSSAWFDAISKPPKLGRAAISRGSLAKLDQLPSKLQKDPLKFDAPQLLTLPDIFPNGLANKFTFMPIGELWYR
KSGTYRNKVQNLTQFYHPLDMFGEWNRAYGSAGFLQYQFVVPTEAVEEFKSIIVDIQRSGHYSFLNVFKLFGPGNQAPLS
FPIPGWNVCVDFPIKAGLHEFVTELDRRVLEFGGRLYTAKDSRTTAETFHAMYPRIDEWIRIRRSVDPDGVFASDMARRL
QLL
;
_entity_poly.pdbx_strand_id   A,B
#
# COMPACT_ATOMS: atom_id res chain seq x y z
N GLY A 10 12.12 -8.66 -42.58
CA GLY A 10 11.57 -8.14 -41.35
C GLY A 10 12.38 -8.46 -40.11
N GLY A 11 13.60 -8.96 -40.32
CA GLY A 11 14.53 -9.25 -39.24
C GLY A 11 14.00 -10.24 -38.23
N LEU A 12 14.13 -9.91 -36.96
CA LEU A 12 13.66 -10.75 -35.87
C LEU A 12 12.15 -10.63 -35.67
N VAL A 13 11.45 -11.75 -35.84
CA VAL A 13 10.00 -11.79 -35.65
C VAL A 13 9.59 -13.05 -34.91
N ILE A 14 9.31 -12.94 -33.61
CA ILE A 14 8.85 -14.10 -32.85
C ILE A 14 7.47 -13.87 -32.24
N ASP A 15 6.65 -14.90 -32.25
CA ASP A 15 5.30 -14.82 -31.71
C ASP A 15 5.18 -15.77 -30.52
N MET A 16 4.91 -15.20 -29.35
CA MET A 16 4.84 -15.97 -28.11
C MET A 16 3.47 -15.85 -27.45
N PRO A 17 2.47 -16.60 -27.96
CA PRO A 17 1.12 -16.52 -27.39
C PRO A 17 1.04 -17.17 -26.01
N ALA A 18 2.09 -17.87 -25.61
CA ALA A 18 2.11 -18.56 -24.32
C ALA A 18 2.82 -17.74 -23.25
N LEU A 19 3.29 -16.56 -23.62
CA LEU A 19 3.90 -15.64 -22.66
C LEU A 19 2.78 -14.82 -22.01
N ASN A 20 1.72 -15.50 -21.57
CA ASN A 20 0.59 -14.85 -20.95
C ASN A 20 0.27 -15.45 -19.58
N ARG A 21 1.31 -15.74 -18.81
CA ARG A 21 1.11 -16.32 -17.48
C ARG A 21 0.84 -15.25 -16.44
N ILE A 22 -0.18 -15.46 -15.63
CA ILE A 22 -0.39 -14.65 -14.45
C ILE A 22 0.26 -15.36 -13.27
N HIS A 23 1.35 -14.80 -12.78
CA HIS A 23 2.18 -15.49 -11.80
C HIS A 23 1.58 -15.48 -10.40
N SER A 24 1.05 -14.34 -9.97
CA SER A 24 0.44 -14.25 -8.64
C SER A 24 -0.56 -13.10 -8.52
N ILE A 25 -1.60 -13.34 -7.73
CA ILE A 25 -2.60 -12.33 -7.42
C ILE A 25 -2.83 -12.31 -5.92
N ASP A 26 -2.49 -11.19 -5.28
CA ASP A 26 -2.66 -11.07 -3.83
C ASP A 26 -3.55 -9.89 -3.47
N SER A 27 -4.72 -10.17 -2.91
CA SER A 27 -5.70 -9.14 -2.62
C SER A 27 -5.33 -8.26 -1.43
N GLY A 28 -4.40 -8.75 -0.60
CA GLY A 28 -3.94 -8.03 0.57
C GLY A 28 -2.95 -6.93 0.22
N THR A 29 -2.33 -7.05 -0.95
CA THR A 29 -1.39 -6.04 -1.43
C THR A 29 -1.93 -5.37 -2.69
N ARG A 30 -3.01 -5.93 -3.23
CA ARG A 30 -3.60 -5.51 -4.50
C ARG A 30 -2.59 -5.67 -5.64
N LEU A 31 -1.58 -6.50 -5.41
CA LEU A 31 -0.49 -6.66 -6.36
C LEU A 31 -0.69 -7.86 -7.28
N VAL A 32 -0.36 -7.68 -8.55
CA VAL A 32 -0.38 -8.76 -9.52
C VAL A 32 0.96 -8.85 -10.24
N ASP A 33 1.58 -10.03 -10.17
CA ASP A 33 2.81 -10.29 -10.90
C ASP A 33 2.40 -10.97 -12.20
N VAL A 34 2.73 -10.35 -13.33
CA VAL A 34 2.12 -10.74 -14.59
C VAL A 34 3.08 -10.67 -15.78
N ASP A 35 2.94 -11.63 -16.70
CA ASP A 35 3.68 -11.58 -17.96
C ASP A 35 3.17 -10.41 -18.78
N ALA A 36 4.04 -9.84 -19.60
CA ALA A 36 3.67 -8.68 -20.40
C ALA A 36 2.68 -9.03 -21.51
N GLY A 37 2.61 -10.31 -21.84
CA GLY A 37 1.74 -10.78 -22.90
C GLY A 37 0.32 -11.00 -22.43
N VAL A 38 0.11 -10.92 -21.12
CA VAL A 38 -1.22 -11.03 -20.54
C VAL A 38 -2.09 -9.88 -21.01
N SER A 39 -3.28 -10.18 -21.52
CA SER A 39 -4.21 -9.15 -21.94
C SER A 39 -4.94 -8.61 -20.73
N LEU A 40 -5.35 -7.34 -20.78
CA LEU A 40 -6.07 -6.73 -19.67
C LEU A 40 -7.41 -7.43 -19.44
N ASP A 41 -8.02 -7.89 -20.53
CA ASP A 41 -9.25 -8.67 -20.45
C ASP A 41 -9.03 -9.95 -19.65
N GLN A 42 -7.95 -10.66 -19.98
CA GLN A 42 -7.58 -11.87 -19.25
C GLN A 42 -7.32 -11.56 -17.79
N LEU A 43 -6.69 -10.42 -17.53
CA LEU A 43 -6.31 -10.03 -16.17
C LEU A 43 -7.52 -9.75 -15.28
N MET A 44 -8.52 -9.05 -15.81
CA MET A 44 -9.69 -8.70 -15.01
C MET A 44 -10.57 -9.90 -14.67
N LYS A 45 -10.66 -10.86 -15.58
CA LYS A 45 -11.41 -12.08 -15.32
C LYS A 45 -10.75 -12.89 -14.19
N ALA A 46 -9.42 -12.80 -14.10
CA ALA A 46 -8.68 -13.53 -13.10
C ALA A 46 -8.61 -12.77 -11.77
N ALA A 47 -8.61 -11.44 -11.85
CA ALA A 47 -8.46 -10.61 -10.66
C ALA A 47 -9.79 -10.31 -9.97
N LEU A 48 -10.89 -10.41 -10.70
CA LEU A 48 -12.21 -10.11 -10.15
C LEU A 48 -12.59 -10.92 -8.90
N PRO A 49 -12.42 -12.26 -8.93
CA PRO A 49 -12.79 -13.03 -7.74
C PRO A 49 -11.95 -12.70 -6.50
N HIS A 50 -10.83 -12.01 -6.70
CA HIS A 50 -9.98 -11.61 -5.59
C HIS A 50 -10.38 -10.24 -5.05
N GLY A 51 -11.42 -9.66 -5.64
CA GLY A 51 -11.86 -8.34 -5.25
C GLY A 51 -10.89 -7.28 -5.73
N LEU A 52 -10.33 -7.52 -6.91
CA LEU A 52 -9.39 -6.57 -7.51
C LEU A 52 -9.90 -6.10 -8.87
N TRP A 53 -9.61 -4.84 -9.18
CA TRP A 53 -10.08 -4.24 -10.41
C TRP A 53 -8.89 -3.59 -11.12
N VAL A 54 -8.74 -3.87 -12.42
CA VAL A 54 -7.66 -3.28 -13.18
C VAL A 54 -7.81 -1.76 -13.21
N PRO A 55 -6.76 -1.04 -12.75
CA PRO A 55 -6.80 0.40 -12.45
C PRO A 55 -7.20 1.29 -13.62
N VAL A 56 -6.80 0.91 -14.83
CA VAL A 56 -7.22 1.65 -16.02
C VAL A 56 -7.75 0.67 -17.06
N LEU A 57 -9.04 0.78 -17.36
CA LEU A 57 -9.69 -0.13 -18.30
C LEU A 57 -9.22 0.11 -19.72
N PRO A 58 -9.12 -0.97 -20.51
CA PRO A 58 -8.64 -0.91 -21.89
C PRO A 58 -9.69 -0.40 -22.87
N GLY A 59 -9.49 -0.72 -24.15
CA GLY A 59 -10.43 -0.40 -25.19
C GLY A 59 -10.47 -1.54 -26.19
N THR A 60 -9.70 -2.58 -25.89
CA THR A 60 -9.61 -3.76 -26.73
C THR A 60 -9.37 -4.99 -25.86
N ARG A 61 -10.04 -6.09 -26.18
CA ARG A 61 -9.87 -7.32 -25.41
C ARG A 61 -8.55 -8.02 -25.73
N GLN A 62 -7.75 -7.41 -26.60
CA GLN A 62 -6.50 -8.01 -27.03
C GLN A 62 -5.28 -7.21 -26.57
N VAL A 63 -5.51 -6.00 -26.07
CA VAL A 63 -4.40 -5.17 -25.60
C VAL A 63 -3.68 -5.82 -24.41
N THR A 64 -2.35 -5.82 -24.45
CA THR A 64 -1.57 -6.51 -23.45
C THR A 64 -1.06 -5.56 -22.37
N VAL A 65 -0.64 -6.13 -21.24
CA VAL A 65 -0.05 -5.35 -20.15
C VAL A 65 1.16 -4.57 -20.64
N GLY A 66 2.01 -5.23 -21.42
CA GLY A 66 3.16 -4.58 -22.01
C GLY A 66 2.77 -3.41 -22.89
N GLY A 67 1.68 -3.57 -23.61
CA GLY A 67 1.19 -2.53 -24.50
C GLY A 67 0.53 -1.39 -23.74
N ALA A 68 -0.17 -1.73 -22.67
CA ALA A 68 -0.84 -0.73 -21.83
C ALA A 68 0.19 0.17 -21.15
N ILE A 69 1.32 -0.40 -20.77
CA ILE A 69 2.41 0.36 -20.18
C ILE A 69 3.09 1.19 -21.27
N GLY A 70 3.28 0.58 -22.43
CA GLY A 70 3.95 1.24 -23.54
C GLY A 70 3.21 2.45 -24.05
N CYS A 71 1.90 2.33 -24.18
CA CYS A 71 1.07 3.45 -24.64
C CYS A 71 0.68 4.35 -23.48
N ASP A 72 0.88 3.86 -22.27
CA ASP A 72 0.46 4.56 -21.05
C ASP A 72 -1.00 4.96 -21.16
N ILE A 73 -1.86 3.97 -21.36
CA ILE A 73 -3.27 4.20 -21.66
C ILE A 73 -4.03 4.88 -20.52
N HIS A 74 -5.13 5.54 -20.89
CA HIS A 74 -5.98 6.23 -19.94
C HIS A 74 -7.44 5.94 -20.24
N GLY A 75 -8.30 6.19 -19.27
CA GLY A 75 -9.74 5.95 -19.43
C GLY A 75 -10.61 7.03 -18.83
N LYS A 76 -11.84 6.66 -18.51
CA LYS A 76 -12.82 7.61 -17.97
C LYS A 76 -12.53 7.99 -16.51
N ASN A 77 -11.48 7.40 -15.94
CA ASN A 77 -11.16 7.66 -14.54
C ASN A 77 -9.82 8.35 -14.35
N HIS A 78 -9.32 9.00 -15.39
CA HIS A 78 -7.99 9.60 -15.34
C HIS A 78 -7.86 10.70 -14.28
N HIS A 79 -8.95 11.45 -14.07
CA HIS A 79 -8.93 12.55 -13.13
C HIS A 79 -8.71 12.09 -11.69
N SER A 80 -9.00 10.82 -11.43
CA SER A 80 -8.84 10.27 -10.09
C SER A 80 -7.70 9.26 -9.98
N ALA A 81 -7.48 8.50 -11.05
CA ALA A 81 -6.51 7.40 -11.01
C ALA A 81 -5.26 7.68 -11.83
N GLY A 82 -5.30 8.70 -12.67
CA GLY A 82 -4.19 8.99 -13.56
C GLY A 82 -4.14 8.00 -14.70
N SER A 83 -2.92 7.73 -15.17
CA SER A 83 -2.73 6.83 -16.32
C SER A 83 -2.27 5.45 -15.85
N PHE A 84 -2.13 4.51 -16.79
CA PHE A 84 -1.77 3.14 -16.45
C PHE A 84 -0.38 3.04 -15.82
N GLY A 85 0.51 3.94 -16.22
CA GLY A 85 1.86 3.96 -15.68
C GLY A 85 1.88 4.26 -14.19
N ASN A 86 0.88 4.99 -13.73
CA ASN A 86 0.75 5.35 -12.32
C ASN A 86 0.69 4.14 -11.39
N HIS A 87 0.29 3.00 -11.95
CA HIS A 87 -0.02 1.83 -11.13
C HIS A 87 0.99 0.69 -11.31
N VAL A 88 2.02 0.93 -12.11
CA VAL A 88 3.09 -0.05 -12.28
C VAL A 88 4.09 0.11 -11.15
N ARG A 89 4.23 -0.94 -10.34
CA ARG A 89 5.13 -0.89 -9.19
C ARG A 89 6.54 -1.34 -9.55
N SER A 90 6.64 -2.20 -10.57
CA SER A 90 7.94 -2.60 -11.12
C SER A 90 7.74 -3.36 -12.43
N MET A 91 8.80 -3.44 -13.23
CA MET A 91 8.75 -4.21 -14.46
C MET A 91 10.15 -4.65 -14.89
N GLU A 92 10.20 -5.70 -15.70
CA GLU A 92 11.46 -6.21 -16.22
C GLU A 92 11.61 -5.82 -17.69
N LEU A 93 12.66 -5.07 -17.99
CA LEU A 93 12.87 -4.57 -19.35
C LEU A 93 14.05 -5.25 -20.02
N LEU A 94 13.79 -5.85 -21.19
CA LEU A 94 14.85 -6.43 -22.00
C LEU A 94 15.46 -5.36 -22.90
N THR A 95 16.73 -5.04 -22.67
CA THR A 95 17.38 -3.98 -23.41
C THR A 95 18.27 -4.51 -24.54
N ALA A 96 18.77 -3.60 -25.37
CA ALA A 96 19.53 -3.94 -26.57
C ALA A 96 20.77 -4.79 -26.29
N ASN A 97 21.37 -4.62 -25.12
CA ASN A 97 22.57 -5.37 -24.76
C ASN A 97 22.24 -6.76 -24.21
N GLY A 98 20.98 -7.16 -24.31
CA GLY A 98 20.57 -8.49 -23.88
C GLY A 98 20.27 -8.57 -22.39
N GLU A 99 20.61 -7.51 -21.67
CA GLU A 99 20.39 -7.46 -20.23
C GLU A 99 18.91 -7.28 -19.92
N VAL A 100 18.47 -7.85 -18.80
CA VAL A 100 17.11 -7.66 -18.33
C VAL A 100 17.12 -6.72 -17.13
N ARG A 101 16.65 -5.49 -17.32
CA ARG A 101 16.70 -4.46 -16.30
C ARG A 101 15.48 -4.49 -15.38
N HIS A 102 15.72 -4.37 -14.07
CA HIS A 102 14.64 -4.25 -13.10
C HIS A 102 14.34 -2.78 -12.83
N LEU A 103 13.16 -2.33 -13.24
CA LEU A 103 12.82 -0.92 -13.17
C LEU A 103 11.78 -0.61 -12.10
N THR A 104 12.02 0.45 -11.33
CA THR A 104 11.05 0.92 -10.33
C THR A 104 10.82 2.41 -10.53
N PRO A 105 9.62 2.90 -10.17
CA PRO A 105 9.27 4.29 -10.45
C PRO A 105 9.97 5.33 -9.56
N ALA A 106 10.63 4.89 -8.50
CA ALA A 106 11.24 5.84 -7.56
C ALA A 106 12.64 5.46 -7.09
N GLY A 107 13.11 4.28 -7.49
CA GLY A 107 14.46 3.85 -7.13
C GLY A 107 15.44 4.31 -8.19
N PRO A 108 16.67 3.79 -8.15
CA PRO A 108 17.57 4.05 -9.28
C PRO A 108 16.98 3.38 -10.52
N ASP A 109 17.35 3.83 -11.71
CA ASP A 109 16.74 3.38 -12.96
C ASP A 109 15.31 3.88 -13.16
N SER A 110 14.90 4.85 -12.34
CA SER A 110 13.55 5.41 -12.45
C SER A 110 13.43 6.25 -13.73
N ASP A 111 14.54 6.82 -14.17
CA ASP A 111 14.55 7.57 -15.42
C ASP A 111 14.22 6.66 -16.59
N LEU A 112 14.82 5.48 -16.59
CA LEU A 112 14.54 4.47 -17.62
C LEU A 112 13.12 3.93 -17.46
N PHE A 113 12.67 3.82 -16.21
CA PHE A 113 11.32 3.36 -15.90
C PHE A 113 10.30 4.26 -16.57
N TRP A 114 10.44 5.56 -16.36
CA TRP A 114 9.47 6.53 -16.86
C TRP A 114 9.63 6.81 -18.35
N ALA A 115 10.81 6.50 -18.89
CA ALA A 115 11.01 6.59 -20.33
C ALA A 115 10.34 5.39 -21.00
N THR A 116 10.21 4.30 -20.25
CA THR A 116 9.59 3.09 -20.74
C THR A 116 8.06 3.23 -20.80
N VAL A 117 7.51 3.86 -19.76
CA VAL A 117 6.07 4.13 -19.71
C VAL A 117 5.65 5.04 -20.86
N GLY A 118 6.49 6.02 -21.16
CA GLY A 118 6.21 6.93 -22.27
C GLY A 118 6.28 6.26 -23.63
N GLY A 119 7.34 5.49 -23.84
CA GLY A 119 7.66 4.94 -25.15
C GLY A 119 6.92 3.68 -25.54
N ASN A 120 6.79 3.47 -26.85
CA ASN A 120 6.12 2.29 -27.37
C ASN A 120 7.16 1.22 -27.69
N GLY A 121 7.76 0.68 -26.64
CA GLY A 121 8.75 -0.37 -26.80
C GLY A 121 10.09 0.05 -27.39
N LEU A 122 10.27 1.32 -27.68
CA LEU A 122 11.52 1.83 -28.24
C LEU A 122 12.64 1.82 -27.21
N THR A 123 12.29 1.61 -25.95
CA THR A 123 13.27 1.58 -24.89
C THR A 123 13.70 0.14 -24.61
N GLY A 124 13.05 -0.80 -25.31
CA GLY A 124 13.28 -2.21 -25.06
C GLY A 124 11.97 -2.96 -24.95
N ILE A 125 12.06 -4.25 -24.67
CA ILE A 125 10.86 -5.09 -24.56
C ILE A 125 10.47 -5.33 -23.10
N ILE A 126 9.25 -4.94 -22.76
CA ILE A 126 8.70 -5.22 -21.44
C ILE A 126 8.33 -6.70 -21.39
N LEU A 127 8.87 -7.42 -20.41
CA LEU A 127 8.68 -8.86 -20.33
C LEU A 127 7.72 -9.26 -19.21
N ARG A 128 7.84 -8.61 -18.06
CA ARG A 128 7.02 -8.93 -16.89
C ARG A 128 6.84 -7.65 -16.08
N ALA A 129 5.72 -7.57 -15.35
CA ALA A 129 5.43 -6.37 -14.57
C ALA A 129 4.63 -6.68 -13.30
N THR A 130 4.83 -5.86 -12.28
CA THR A 130 4.02 -5.92 -11.07
C THR A 130 3.12 -4.69 -11.01
N ILE A 131 1.81 -4.93 -11.02
CA ILE A 131 0.83 -3.86 -11.09
C ILE A 131 0.00 -3.80 -9.81
N GLU A 132 -0.26 -2.60 -9.32
CA GLU A 132 -1.14 -2.45 -8.16
C GLU A 132 -2.59 -2.28 -8.63
N MET A 133 -3.44 -3.20 -8.20
CA MET A 133 -4.84 -3.22 -8.61
C MET A 133 -5.68 -2.30 -7.74
N THR A 134 -6.90 -2.02 -8.18
CA THR A 134 -7.83 -1.25 -7.38
C THR A 134 -8.77 -2.21 -6.65
N PRO A 135 -8.79 -2.12 -5.31
CA PRO A 135 -9.67 -2.98 -4.52
C PRO A 135 -11.15 -2.66 -4.77
N THR A 136 -11.97 -3.69 -4.90
CA THR A 136 -13.40 -3.50 -5.14
C THR A 136 -14.23 -4.59 -4.47
N GLU A 137 -15.44 -4.24 -4.06
CA GLU A 137 -16.34 -5.20 -3.43
C GLU A 137 -17.26 -5.83 -4.47
N THR A 138 -17.49 -5.12 -5.56
CA THR A 138 -18.39 -5.58 -6.62
C THR A 138 -17.79 -5.34 -7.99
N ALA A 139 -18.48 -5.84 -9.01
CA ALA A 139 -18.08 -5.60 -10.40
C ALA A 139 -19.07 -4.65 -11.07
N TYR A 140 -19.74 -3.83 -10.26
CA TYR A 140 -20.76 -2.93 -10.77
C TYR A 140 -20.47 -1.47 -10.49
N PHE A 141 -21.05 -0.60 -11.32
CA PHE A 141 -20.95 0.84 -11.11
C PHE A 141 -22.29 1.40 -10.61
N ILE A 142 -22.20 2.42 -9.77
CA ILE A 142 -23.37 3.21 -9.40
C ILE A 142 -23.21 4.62 -9.95
N ALA A 143 -24.16 5.06 -10.76
CA ALA A 143 -23.95 6.25 -11.59
C ALA A 143 -25.05 7.29 -11.53
N ASP A 144 -24.70 8.51 -11.95
CA ASP A 144 -25.65 9.60 -12.10
C ASP A 144 -25.63 10.07 -13.55
N GLY A 145 -26.81 10.36 -14.09
CA GLY A 145 -26.92 10.87 -15.45
C GLY A 145 -27.37 12.33 -15.47
N ASP A 146 -26.76 13.12 -16.34
CA ASP A 146 -27.12 14.53 -16.47
C ASP A 146 -27.11 14.98 -17.92
N VAL A 147 -27.82 16.07 -18.19
CA VAL A 147 -27.86 16.64 -19.53
C VAL A 147 -27.68 18.16 -19.46
N THR A 148 -26.80 18.70 -20.30
CA THR A 148 -26.61 20.13 -20.39
C THR A 148 -27.16 20.67 -21.71
N GLY A 149 -27.36 21.98 -21.79
CA GLY A 149 -27.99 22.57 -22.95
C GLY A 149 -27.05 23.31 -23.88
N SER A 150 -25.82 23.53 -23.44
CA SER A 150 -24.85 24.25 -24.25
C SER A 150 -23.41 23.90 -23.85
N LEU A 151 -22.46 24.36 -24.66
CA LEU A 151 -21.04 24.14 -24.38
C LEU A 151 -20.66 24.79 -23.06
N ASP A 152 -21.16 26.01 -22.83
CA ASP A 152 -20.88 26.75 -21.62
C ASP A 152 -21.35 26.00 -20.38
N GLU A 153 -22.52 25.37 -20.47
CA GLU A 153 -23.06 24.59 -19.37
C GLU A 153 -22.22 23.36 -19.10
N THR A 154 -21.77 22.71 -20.18
CA THR A 154 -20.91 21.54 -20.07
C THR A 154 -19.62 21.88 -19.34
N ILE A 155 -19.02 23.02 -19.69
CA ILE A 155 -17.82 23.48 -19.02
C ILE A 155 -18.10 23.77 -17.54
N ALA A 156 -19.18 24.49 -17.28
CA ALA A 156 -19.55 24.84 -15.91
C ALA A 156 -19.85 23.61 -15.06
N PHE A 157 -20.37 22.58 -15.72
CA PHE A 157 -20.72 21.33 -15.05
C PHE A 157 -19.48 20.62 -14.52
N HIS A 158 -18.36 20.79 -15.21
CA HIS A 158 -17.11 20.13 -14.82
C HIS A 158 -16.23 21.06 -13.99
N SER A 159 -16.73 22.24 -13.68
CA SER A 159 -15.92 23.25 -13.00
C SER A 159 -16.36 23.54 -11.57
N ASP A 160 -17.33 22.77 -11.07
CA ASP A 160 -17.86 22.98 -9.73
C ASP A 160 -17.10 22.18 -8.68
N GLY A 161 -16.07 21.46 -9.11
CA GLY A 161 -15.27 20.65 -8.21
C GLY A 161 -15.97 19.37 -7.78
N SER A 162 -17.05 19.03 -8.48
CA SER A 162 -17.84 17.84 -8.13
C SER A 162 -17.23 16.58 -8.71
N GLU A 163 -16.14 16.72 -9.46
CA GLU A 163 -15.43 15.58 -10.02
C GLU A 163 -14.84 14.70 -8.93
N ALA A 164 -14.69 15.26 -7.73
CA ALA A 164 -14.15 14.55 -6.59
C ALA A 164 -15.15 13.53 -6.03
N ASN A 165 -16.39 13.59 -6.48
CA ASN A 165 -17.43 12.70 -5.99
C ASN A 165 -17.69 11.51 -6.91
N TYR A 166 -16.93 11.42 -7.99
CA TYR A 166 -17.05 10.31 -8.94
C TYR A 166 -15.67 9.92 -9.45
N THR A 167 -15.34 8.64 -9.35
CA THR A 167 -14.04 8.17 -9.83
C THR A 167 -14.01 8.09 -11.35
N TYR A 168 -15.18 7.86 -11.96
CA TYR A 168 -15.29 7.78 -13.41
C TYR A 168 -16.20 8.88 -13.93
N SER A 169 -15.87 9.43 -15.09
CA SER A 169 -16.65 10.52 -15.68
C SER A 169 -16.33 10.74 -17.16
N SER A 170 -17.37 10.87 -17.96
CA SER A 170 -17.22 11.20 -19.38
C SER A 170 -18.52 11.81 -19.91
N ALA A 171 -18.43 12.48 -21.05
CA ALA A 171 -19.60 13.13 -21.63
C ALA A 171 -19.61 13.02 -23.16
N TRP A 172 -20.80 12.89 -23.73
CA TRP A 172 -20.96 12.93 -25.18
C TRP A 172 -21.63 14.23 -25.57
N PHE A 173 -20.93 15.08 -26.33
CA PHE A 173 -21.46 16.39 -26.66
C PHE A 173 -21.85 16.54 -28.13
N ASP A 174 -22.79 17.45 -28.38
CA ASP A 174 -23.20 17.80 -29.74
C ASP A 174 -22.13 18.67 -30.36
N ALA A 175 -21.61 18.23 -31.50
CA ALA A 175 -20.57 18.97 -32.21
C ALA A 175 -21.08 19.46 -33.56
N ILE A 176 -22.31 19.07 -33.90
CA ILE A 176 -22.88 19.36 -35.21
C ILE A 176 -23.81 20.58 -35.15
N SER A 177 -24.56 20.71 -34.06
CA SER A 177 -25.52 21.80 -33.91
C SER A 177 -24.86 23.17 -33.88
N LYS A 178 -25.58 24.16 -34.40
CA LYS A 178 -25.17 25.55 -34.33
C LYS A 178 -25.46 26.07 -32.93
N PRO A 179 -24.60 26.95 -32.40
CA PRO A 179 -24.84 27.59 -31.10
C PRO A 179 -26.22 28.25 -31.05
N PRO A 180 -26.83 28.33 -29.85
CA PRO A 180 -26.27 27.95 -28.55
C PRO A 180 -26.38 26.45 -28.24
N LYS A 181 -26.90 25.68 -29.19
CA LYS A 181 -27.03 24.24 -28.99
C LYS A 181 -25.69 23.52 -28.95
N LEU A 182 -24.70 24.06 -29.67
CA LEU A 182 -23.38 23.46 -29.76
C LEU A 182 -22.75 23.20 -28.38
N GLY A 183 -22.31 21.97 -28.18
CA GLY A 183 -21.62 21.60 -26.95
C GLY A 183 -22.51 21.04 -25.86
N ARG A 184 -23.82 20.96 -26.14
CA ARG A 184 -24.74 20.33 -25.20
C ARG A 184 -24.34 18.87 -25.04
N ALA A 185 -24.38 18.36 -23.81
CA ALA A 185 -23.80 17.05 -23.54
C ALA A 185 -24.69 16.11 -22.74
N ALA A 186 -24.50 14.81 -22.95
CA ALA A 186 -25.08 13.78 -22.12
C ALA A 186 -23.98 13.25 -21.22
N ILE A 187 -24.04 13.62 -19.94
CA ILE A 187 -22.94 13.34 -19.02
C ILE A 187 -23.21 12.11 -18.14
N SER A 188 -22.23 11.22 -18.07
CA SER A 188 -22.34 10.01 -17.26
C SER A 188 -21.17 9.92 -16.27
N ARG A 189 -21.49 9.92 -14.99
CA ARG A 189 -20.48 9.86 -13.93
C ARG A 189 -20.86 8.78 -12.92
N GLY A 190 -19.86 8.13 -12.33
CA GLY A 190 -20.12 7.08 -11.34
C GLY A 190 -18.88 6.52 -10.68
N SER A 191 -19.08 5.50 -9.84
CA SER A 191 -17.98 4.85 -9.13
C SER A 191 -18.25 3.37 -8.99
N LEU A 192 -17.24 2.60 -8.56
CA LEU A 192 -17.44 1.20 -8.25
C LEU A 192 -18.44 1.09 -7.10
N ALA A 193 -19.42 0.20 -7.25
CA ALA A 193 -20.44 0.02 -6.23
C ALA A 193 -19.92 -0.76 -5.04
N LYS A 194 -20.24 -0.29 -3.84
CA LYS A 194 -20.00 -1.06 -2.63
C LYS A 194 -21.03 -2.18 -2.56
N LEU A 195 -20.75 -3.22 -1.78
CA LEU A 195 -21.63 -4.39 -1.72
C LEU A 195 -23.03 -4.05 -1.23
N ASP A 196 -23.11 -3.14 -0.26
CA ASP A 196 -24.39 -2.76 0.33
C ASP A 196 -25.22 -1.87 -0.59
N GLN A 197 -24.65 -1.48 -1.72
CA GLN A 197 -25.32 -0.63 -2.68
C GLN A 197 -26.02 -1.42 -3.77
N LEU A 198 -25.76 -2.73 -3.82
CA LEU A 198 -26.39 -3.60 -4.80
C LEU A 198 -27.74 -4.09 -4.30
N PRO A 199 -28.68 -4.34 -5.23
CA PRO A 199 -29.91 -5.05 -4.87
C PRO A 199 -29.56 -6.48 -4.45
N SER A 200 -30.37 -7.07 -3.58
CA SER A 200 -30.06 -8.38 -3.00
C SER A 200 -29.93 -9.49 -4.04
N LYS A 201 -30.57 -9.31 -5.19
CA LYS A 201 -30.47 -10.26 -6.29
C LYS A 201 -29.02 -10.43 -6.74
N LEU A 202 -28.27 -9.33 -6.69
CA LEU A 202 -26.91 -9.30 -7.22
C LEU A 202 -25.84 -9.52 -6.14
N GLN A 203 -26.25 -9.46 -4.87
CA GLN A 203 -25.31 -9.63 -3.77
C GLN A 203 -24.84 -11.07 -3.61
N LYS A 204 -25.55 -12.00 -4.24
CA LYS A 204 -25.16 -13.41 -4.20
C LYS A 204 -23.85 -13.61 -4.96
N ASP A 205 -23.73 -12.95 -6.10
CA ASP A 205 -22.51 -13.02 -6.91
C ASP A 205 -22.07 -11.61 -7.29
N PRO A 206 -21.47 -10.88 -6.33
CA PRO A 206 -21.11 -9.47 -6.47
C PRO A 206 -19.99 -9.24 -7.48
N LEU A 207 -19.16 -10.26 -7.70
CA LEU A 207 -17.99 -10.11 -8.56
C LEU A 207 -18.13 -10.91 -9.85
N LYS A 208 -19.31 -10.86 -10.45
CA LYS A 208 -19.58 -11.63 -11.67
C LYS A 208 -19.29 -10.83 -12.94
N PHE A 209 -18.71 -11.51 -13.93
CA PHE A 209 -18.47 -10.90 -15.23
C PHE A 209 -19.36 -11.53 -16.30
N GLY A 243 -31.92 9.93 -19.71
CA GLY A 243 -31.13 11.14 -19.84
C GLY A 243 -30.66 11.66 -18.50
N THR A 244 -31.58 11.84 -17.58
CA THR A 244 -31.26 12.27 -16.22
C THR A 244 -31.65 11.20 -15.22
N TYR A 245 -30.70 10.77 -14.38
CA TYR A 245 -30.95 9.74 -13.39
C TYR A 245 -29.97 9.81 -12.21
N ARG A 246 -30.32 9.16 -11.11
CA ARG A 246 -29.47 9.14 -9.93
C ARG A 246 -29.32 7.73 -9.37
N ASN A 247 -28.12 7.44 -8.86
CA ASN A 247 -27.80 6.16 -8.25
C ASN A 247 -28.21 4.91 -9.04
N LYS A 248 -28.01 4.93 -10.35
CA LYS A 248 -28.35 3.76 -11.16
C LYS A 248 -27.24 2.71 -11.13
N VAL A 249 -27.59 1.49 -10.73
CA VAL A 249 -26.63 0.39 -10.69
C VAL A 249 -26.53 -0.29 -12.05
N GLN A 250 -25.33 -0.30 -12.62
CA GLN A 250 -25.10 -0.90 -13.93
C GLN A 250 -23.75 -1.59 -14.00
N ASN A 251 -23.65 -2.61 -14.85
CA ASN A 251 -22.42 -3.38 -14.98
C ASN A 251 -21.40 -2.73 -15.90
N LEU A 252 -20.39 -3.51 -16.28
CA LEU A 252 -19.28 -2.99 -17.08
C LEU A 252 -19.70 -2.60 -18.49
N THR A 253 -20.59 -3.40 -19.09
CA THR A 253 -21.03 -3.13 -20.46
C THR A 253 -22.20 -2.15 -20.53
N GLN A 254 -22.68 -1.68 -19.37
CA GLN A 254 -23.76 -0.70 -19.35
C GLN A 254 -23.26 0.70 -19.01
N PHE A 255 -22.30 0.77 -18.09
CA PHE A 255 -21.72 2.05 -17.70
C PHE A 255 -20.60 2.48 -18.66
N TYR A 256 -19.57 1.63 -18.80
CA TYR A 256 -18.41 1.93 -19.63
C TYR A 256 -18.71 1.79 -21.12
N HIS A 257 -19.76 1.04 -21.44
CA HIS A 257 -20.17 0.76 -22.83
C HIS A 257 -19.02 0.28 -23.71
N GLY A 273 -12.91 4.57 -42.65
CA GLY A 273 -13.76 5.57 -43.26
C GLY A 273 -13.85 6.84 -42.44
N PHE A 274 -13.20 6.84 -41.29
CA PHE A 274 -13.20 8.01 -40.41
C PHE A 274 -11.77 8.37 -40.00
N LEU A 275 -11.64 9.52 -39.35
CA LEU A 275 -10.35 9.96 -38.82
C LEU A 275 -10.47 10.29 -37.34
N GLN A 276 -9.91 9.42 -36.50
CA GLN A 276 -9.94 9.65 -35.06
C GLN A 276 -9.02 10.81 -34.67
N TYR A 277 -9.60 11.81 -34.02
CA TYR A 277 -8.83 12.97 -33.60
C TYR A 277 -9.06 13.25 -32.12
N GLN A 278 -7.98 13.21 -31.34
CA GLN A 278 -8.07 13.45 -29.91
C GLN A 278 -7.02 14.47 -29.47
N PHE A 279 -7.46 15.45 -28.69
CA PHE A 279 -6.54 16.46 -28.17
C PHE A 279 -6.88 16.84 -26.74
N VAL A 280 -6.01 17.64 -26.13
CA VAL A 280 -6.26 18.16 -24.80
C VAL A 280 -5.74 19.60 -24.68
N VAL A 281 -6.59 20.48 -24.19
CA VAL A 281 -6.23 21.88 -23.96
C VAL A 281 -6.17 22.14 -22.47
N PRO A 282 -5.10 22.80 -21.99
CA PRO A 282 -4.92 23.12 -20.57
C PRO A 282 -6.15 23.76 -19.94
N THR A 283 -6.38 23.46 -18.66
CA THR A 283 -7.61 23.85 -17.96
C THR A 283 -7.92 25.35 -18.04
N GLU A 284 -6.91 26.17 -17.77
CA GLU A 284 -7.10 27.61 -17.72
C GLU A 284 -7.46 28.24 -19.06
N ALA A 285 -7.03 27.59 -20.15
CA ALA A 285 -7.33 28.08 -21.49
C ALA A 285 -8.74 27.68 -21.93
N VAL A 286 -9.74 28.06 -21.15
CA VAL A 286 -11.12 27.67 -21.41
C VAL A 286 -11.74 28.43 -22.59
N GLU A 287 -11.46 29.73 -22.68
CA GLU A 287 -11.97 30.53 -23.80
C GLU A 287 -11.34 30.06 -25.12
N GLU A 288 -10.07 29.66 -25.04
CA GLU A 288 -9.35 29.16 -26.20
C GLU A 288 -9.89 27.78 -26.60
N PHE A 289 -10.27 27.00 -25.61
CA PHE A 289 -10.85 25.68 -25.86
C PHE A 289 -12.21 25.79 -26.55
N LYS A 290 -13.06 26.66 -26.02
CA LYS A 290 -14.37 26.92 -26.62
C LYS A 290 -14.22 27.35 -28.07
N SER A 291 -13.22 28.19 -28.32
CA SER A 291 -12.95 28.71 -29.67
C SER A 291 -12.68 27.58 -30.66
N ILE A 292 -11.94 26.57 -30.22
CA ILE A 292 -11.63 25.42 -31.06
C ILE A 292 -12.89 24.64 -31.41
N ILE A 293 -13.74 24.42 -30.41
CA ILE A 293 -14.99 23.70 -30.60
C ILE A 293 -15.91 24.44 -31.57
N VAL A 294 -16.01 25.75 -31.39
CA VAL A 294 -16.83 26.59 -32.26
C VAL A 294 -16.34 26.54 -33.70
N ASP A 295 -15.04 26.67 -33.89
CA ASP A 295 -14.44 26.67 -35.22
C ASP A 295 -14.58 25.33 -35.93
N ILE A 296 -14.57 24.25 -35.16
CA ILE A 296 -14.78 22.92 -35.72
C ILE A 296 -16.18 22.84 -36.32
N GLN A 297 -17.16 23.32 -35.56
CA GLN A 297 -18.55 23.32 -36.00
C GLN A 297 -18.73 24.21 -37.23
N ARG A 298 -17.98 25.31 -37.29
CA ARG A 298 -18.04 26.22 -38.42
C ARG A 298 -17.42 25.62 -39.68
N SER A 299 -16.39 24.80 -39.49
CA SER A 299 -15.63 24.23 -40.59
C SER A 299 -16.46 23.32 -41.48
N GLY A 300 -17.52 22.74 -40.91
CA GLY A 300 -18.40 21.87 -41.67
C GLY A 300 -18.09 20.39 -41.49
N HIS A 301 -16.96 20.10 -40.84
CA HIS A 301 -16.57 18.72 -40.57
C HIS A 301 -17.33 18.19 -39.35
N TYR A 302 -18.50 17.62 -39.61
CA TYR A 302 -19.41 17.21 -38.54
C TYR A 302 -19.10 15.81 -38.00
N SER A 303 -18.85 15.74 -36.70
CA SER A 303 -18.63 14.47 -36.03
C SER A 303 -19.80 14.12 -35.12
N PHE A 304 -20.31 12.90 -35.25
CA PHE A 304 -21.44 12.45 -34.45
C PHE A 304 -21.02 12.01 -33.05
N LEU A 305 -20.06 11.11 -32.99
CA LEU A 305 -19.54 10.61 -31.73
C LEU A 305 -18.45 11.53 -31.20
N ASN A 306 -18.73 12.22 -30.10
CA ASN A 306 -17.79 13.15 -29.52
C ASN A 306 -17.67 12.98 -28.01
N VAL A 307 -16.48 12.64 -27.54
CA VAL A 307 -16.27 12.39 -26.12
C VAL A 307 -15.57 13.54 -25.43
N PHE A 308 -16.15 13.99 -24.32
CA PHE A 308 -15.60 15.09 -23.54
C PHE A 308 -15.16 14.60 -22.17
N LYS A 309 -14.04 15.11 -21.68
CA LYS A 309 -13.49 14.65 -20.41
C LYS A 309 -12.47 15.64 -19.84
N LEU A 310 -12.40 15.71 -18.52
CA LEU A 310 -11.44 16.59 -17.85
C LEU A 310 -10.32 15.77 -17.21
N PHE A 311 -9.12 15.87 -17.78
CA PHE A 311 -7.96 15.15 -17.29
C PHE A 311 -7.47 15.70 -15.95
N GLY A 312 -6.89 14.82 -15.14
CA GLY A 312 -6.23 15.24 -13.92
C GLY A 312 -4.75 15.47 -14.17
N PRO A 313 -3.94 15.47 -13.09
CA PRO A 313 -2.49 15.64 -13.20
C PRO A 313 -1.83 14.54 -14.02
N GLY A 314 -0.58 14.77 -14.45
CA GLY A 314 0.11 13.84 -15.32
C GLY A 314 1.21 13.03 -14.65
N ASN A 315 1.91 12.23 -15.44
CA ASN A 315 2.99 11.37 -14.96
C ASN A 315 4.34 12.04 -14.91
N GLN A 316 5.35 11.27 -14.52
CA GLN A 316 6.74 11.69 -14.63
C GLN A 316 7.27 11.18 -15.97
N ALA A 317 6.39 10.54 -16.74
CA ALA A 317 6.77 10.00 -18.04
C ALA A 317 6.81 11.08 -19.11
N PRO A 318 7.99 11.28 -19.71
CA PRO A 318 8.25 12.34 -20.69
C PRO A 318 7.30 12.30 -21.89
N LEU A 319 6.89 11.12 -22.32
CA LEU A 319 6.05 10.99 -23.50
C LEU A 319 4.63 10.56 -23.17
N SER A 320 4.24 10.73 -21.90
CA SER A 320 2.87 10.49 -21.49
C SER A 320 1.96 11.54 -22.09
N PHE A 321 0.90 11.10 -22.76
CA PHE A 321 -0.03 12.02 -23.41
C PHE A 321 -0.83 12.97 -22.50
N PRO A 322 -1.48 12.42 -21.45
CA PRO A 322 -2.40 13.30 -20.71
C PRO A 322 -1.74 14.44 -19.94
N ILE A 323 -2.34 15.63 -20.08
CA ILE A 323 -2.04 16.77 -19.22
C ILE A 323 -3.38 17.24 -18.66
N PRO A 324 -3.37 17.89 -17.49
CA PRO A 324 -4.65 18.36 -16.94
C PRO A 324 -5.32 19.39 -17.84
N GLY A 325 -6.60 19.16 -18.15
CA GLY A 325 -7.33 20.06 -19.02
C GLY A 325 -8.47 19.39 -19.75
N TRP A 326 -8.86 19.97 -20.88
CA TRP A 326 -10.05 19.54 -21.60
C TRP A 326 -9.73 18.53 -22.69
N ASN A 327 -10.15 17.28 -22.48
CA ASN A 327 -9.91 16.22 -23.43
C ASN A 327 -11.12 16.01 -24.35
N VAL A 328 -10.86 16.00 -25.66
CA VAL A 328 -11.93 15.80 -26.64
C VAL A 328 -11.55 14.75 -27.68
N CYS A 329 -12.43 13.78 -27.91
CA CYS A 329 -12.25 12.79 -28.97
C CYS A 329 -13.34 12.90 -30.01
N VAL A 330 -12.97 13.26 -31.23
CA VAL A 330 -13.92 13.35 -32.32
C VAL A 330 -13.58 12.38 -33.44
N ASP A 331 -14.61 11.92 -34.15
CA ASP A 331 -14.41 11.05 -35.30
C ASP A 331 -14.83 11.77 -36.57
N PHE A 332 -13.86 12.33 -37.27
CA PHE A 332 -14.11 13.11 -38.48
C PHE A 332 -14.36 12.21 -39.68
N PRO A 333 -15.53 12.38 -40.31
CA PRO A 333 -15.78 11.72 -41.60
C PRO A 333 -14.79 12.23 -42.64
N ILE A 334 -14.16 11.34 -43.37
CA ILE A 334 -13.15 11.70 -44.35
C ILE A 334 -13.77 12.43 -45.55
N LYS A 335 -13.92 13.74 -45.41
CA LYS A 335 -14.42 14.57 -46.50
C LYS A 335 -13.28 15.23 -47.25
N ALA A 336 -13.63 16.02 -48.27
CA ALA A 336 -12.62 16.76 -49.02
C ALA A 336 -12.16 17.99 -48.25
N GLY A 337 -10.86 18.16 -48.14
CA GLY A 337 -10.30 19.30 -47.42
C GLY A 337 -10.15 19.03 -45.93
N LEU A 338 -10.23 17.75 -45.56
CA LEU A 338 -10.12 17.36 -44.16
C LEU A 338 -8.69 17.47 -43.66
N HIS A 339 -7.74 16.99 -44.46
CA HIS A 339 -6.33 17.02 -44.09
C HIS A 339 -5.78 18.43 -43.94
N GLU A 340 -6.37 19.37 -44.67
CA GLU A 340 -6.01 20.78 -44.54
C GLU A 340 -6.50 21.30 -43.20
N PHE A 341 -7.73 20.96 -42.84
CA PHE A 341 -8.34 21.40 -41.59
C PHE A 341 -7.63 20.81 -40.37
N VAL A 342 -7.25 19.54 -40.47
CA VAL A 342 -6.53 18.87 -39.39
C VAL A 342 -5.20 19.57 -39.11
N THR A 343 -4.45 19.86 -40.18
CA THR A 343 -3.22 20.64 -40.06
C THR A 343 -3.53 21.98 -39.41
N GLU A 344 -4.61 22.61 -39.85
CA GLU A 344 -5.04 23.88 -39.28
C GLU A 344 -5.66 23.66 -37.91
N LEU A 345 -5.97 22.41 -37.55
CA LEU A 345 -6.47 22.12 -36.22
C LEU A 345 -5.30 21.80 -35.28
N ASP A 346 -4.23 21.26 -35.83
CA ASP A 346 -3.05 20.91 -35.04
C ASP A 346 -2.34 22.14 -34.47
N ARG A 347 -2.15 23.15 -35.32
CA ARG A 347 -1.44 24.37 -34.92
C ARG A 347 -2.21 25.11 -33.82
N ARG A 348 -3.53 25.10 -33.92
CA ARG A 348 -4.41 25.76 -32.94
C ARG A 348 -4.29 25.09 -31.57
N VAL A 349 -4.32 23.77 -31.54
CA VAL A 349 -4.18 23.02 -30.30
C VAL A 349 -2.83 23.31 -29.65
N LEU A 350 -1.77 23.21 -30.44
CA LEU A 350 -0.42 23.48 -29.94
C LEU A 350 -0.25 24.94 -29.51
N GLU A 351 -0.93 25.85 -30.21
CA GLU A 351 -0.82 27.28 -29.94
C GLU A 351 -1.18 27.62 -28.49
N PHE A 352 -2.20 26.95 -27.96
CA PHE A 352 -2.70 27.25 -26.63
C PHE A 352 -2.00 26.42 -25.55
N GLY A 353 -0.97 25.67 -25.95
CA GLY A 353 -0.24 24.84 -25.03
C GLY A 353 -0.85 23.46 -24.91
N GLY A 354 -1.66 23.10 -25.89
CA GLY A 354 -2.32 21.81 -25.90
C GLY A 354 -1.46 20.69 -26.44
N ARG A 355 -2.07 19.51 -26.60
CA ARG A 355 -1.34 18.34 -27.05
C ARG A 355 -2.27 17.43 -27.86
N LEU A 356 -1.70 16.71 -28.82
CA LEU A 356 -2.48 15.81 -29.65
C LEU A 356 -2.21 14.36 -29.28
N TYR A 357 -3.16 13.48 -29.57
CA TYR A 357 -2.97 12.06 -29.36
C TYR A 357 -2.38 11.44 -30.62
N THR A 358 -1.36 10.60 -30.43
CA THR A 358 -0.61 10.07 -31.57
C THR A 358 -0.76 8.56 -31.72
N ALA A 359 -1.61 8.15 -32.66
CA ALA A 359 -1.74 6.74 -33.00
C ALA A 359 -0.98 6.47 -34.30
N LYS A 360 -1.20 5.31 -34.90
CA LYS A 360 -0.60 5.01 -36.19
C LYS A 360 -1.29 5.81 -37.29
N ASP A 361 -2.48 6.30 -36.99
CA ASP A 361 -3.28 7.06 -37.95
C ASP A 361 -2.87 8.53 -38.05
N SER A 362 -1.67 8.83 -37.56
CA SER A 362 -1.09 10.15 -37.72
C SER A 362 0.02 10.07 -38.78
N ARG A 363 0.13 11.01 -39.73
CA ARG A 363 -0.58 12.31 -39.80
C ARG A 363 -0.25 13.26 -38.65
N THR A 364 1.02 13.27 -38.28
CA THR A 364 1.57 14.22 -37.33
C THR A 364 3.05 14.39 -37.62
N THR A 365 3.48 15.64 -37.84
CA THR A 365 4.86 15.91 -38.21
C THR A 365 5.78 15.82 -36.99
N ALA A 366 7.07 15.66 -37.25
CA ALA A 366 8.06 15.57 -36.18
C ALA A 366 8.17 16.88 -35.41
N GLU A 367 8.00 18.00 -36.11
CA GLU A 367 8.08 19.30 -35.48
C GLU A 367 6.97 19.47 -34.45
N THR A 368 5.76 19.07 -34.83
CA THR A 368 4.61 19.13 -33.95
C THR A 368 4.81 18.23 -32.74
N PHE A 369 5.32 17.03 -32.98
CA PHE A 369 5.55 16.06 -31.92
C PHE A 369 6.59 16.55 -30.92
N HIS A 370 7.67 17.12 -31.42
CA HIS A 370 8.73 17.64 -30.56
C HIS A 370 8.26 18.88 -29.78
N ALA A 371 7.32 19.60 -30.37
CA ALA A 371 6.78 20.80 -29.72
C ALA A 371 5.78 20.43 -28.63
N MET A 372 5.06 19.34 -28.83
CA MET A 372 4.07 18.85 -27.86
C MET A 372 4.71 18.43 -26.55
N TYR A 373 5.89 17.82 -26.64
CA TYR A 373 6.56 17.26 -25.47
C TYR A 373 7.84 17.99 -25.13
N PRO A 374 7.78 18.91 -24.15
CA PRO A 374 8.94 19.71 -23.73
C PRO A 374 10.11 18.88 -23.19
N ARG A 375 9.85 17.64 -22.79
CA ARG A 375 10.90 16.78 -22.23
C ARG A 375 11.36 15.72 -23.24
N ILE A 376 11.05 15.92 -24.51
CA ILE A 376 11.37 14.93 -25.53
C ILE A 376 12.89 14.71 -25.70
N ASP A 377 13.68 15.76 -25.53
CA ASP A 377 15.13 15.62 -25.65
C ASP A 377 15.70 14.77 -24.52
N GLU A 378 15.13 14.92 -23.33
CA GLU A 378 15.53 14.13 -22.18
C GLU A 378 15.23 12.66 -22.46
N TRP A 379 14.09 12.39 -23.08
CA TRP A 379 13.68 11.03 -23.39
C TRP A 379 14.60 10.41 -24.45
N ILE A 380 14.86 11.17 -25.51
CA ILE A 380 15.71 10.71 -26.61
C ILE A 380 17.11 10.32 -26.11
N ARG A 381 17.65 11.11 -25.19
CA ARG A 381 18.95 10.80 -24.60
C ARG A 381 18.91 9.44 -23.91
N ILE A 382 17.82 9.18 -23.20
CA ILE A 382 17.64 7.91 -22.51
C ILE A 382 17.52 6.75 -23.50
N ARG A 383 16.75 6.96 -24.56
CA ARG A 383 16.59 5.93 -25.58
C ARG A 383 17.93 5.57 -26.23
N ARG A 384 18.75 6.60 -26.48
CA ARG A 384 20.08 6.38 -27.07
C ARG A 384 21.00 5.60 -26.16
N SER A 385 20.96 5.90 -24.87
CA SER A 385 21.83 5.25 -23.90
C SER A 385 21.45 3.79 -23.73
N VAL A 386 20.19 3.48 -24.03
CA VAL A 386 19.68 2.13 -23.82
C VAL A 386 19.58 1.35 -25.13
N ASP A 387 19.52 2.07 -26.25
CA ASP A 387 19.46 1.44 -27.56
C ASP A 387 20.19 2.29 -28.62
N PRO A 388 21.53 2.33 -28.55
CA PRO A 388 22.32 3.20 -29.44
C PRO A 388 22.18 2.88 -30.93
N ASP A 389 22.03 1.61 -31.28
CA ASP A 389 21.94 1.24 -32.69
C ASP A 389 20.49 1.19 -33.20
N GLY A 390 19.56 1.55 -32.33
CA GLY A 390 18.15 1.58 -32.70
C GLY A 390 17.61 0.23 -33.13
N VAL A 391 17.90 -0.79 -32.34
CA VAL A 391 17.42 -2.14 -32.62
C VAL A 391 15.89 -2.22 -32.52
N PHE A 392 15.34 -1.53 -31.53
CA PHE A 392 13.90 -1.52 -31.31
C PHE A 392 13.20 -0.44 -32.11
N ALA A 393 13.97 0.29 -32.92
CA ALA A 393 13.43 1.42 -33.67
C ALA A 393 12.48 0.97 -34.79
N SER A 394 11.35 1.66 -34.90
CA SER A 394 10.36 1.37 -35.92
C SER A 394 10.35 2.46 -36.99
N ASP A 395 9.49 2.30 -37.99
CA ASP A 395 9.32 3.32 -39.01
C ASP A 395 8.73 4.58 -38.41
N MET A 396 7.87 4.38 -37.41
CA MET A 396 7.22 5.48 -36.70
C MET A 396 8.25 6.31 -35.95
N ALA A 397 9.24 5.64 -35.38
CA ALA A 397 10.28 6.30 -34.59
C ALA A 397 11.16 7.18 -35.47
N ARG A 398 11.40 6.75 -36.70
CA ARG A 398 12.24 7.50 -37.63
C ARG A 398 11.54 8.74 -38.15
N ARG A 399 10.23 8.62 -38.43
CA ARG A 399 9.47 9.73 -38.96
C ARG A 399 9.32 10.85 -37.93
N LEU A 400 9.02 10.47 -36.69
CA LEU A 400 8.88 11.45 -35.61
C LEU A 400 10.25 11.91 -35.12
N GLN A 401 11.30 11.35 -35.71
CA GLN A 401 12.68 11.67 -35.37
C GLN A 401 12.98 11.44 -33.88
N LEU A 402 12.88 10.18 -33.47
CA LEU A 402 13.12 9.81 -32.08
C LEU A 402 14.48 9.14 -31.91
N LEU A 403 15.18 8.98 -33.03
CA LEU A 403 16.51 8.37 -33.02
C LEU A 403 17.58 9.41 -32.72
N GLY B 10 7.74 -36.69 21.23
CA GLY B 10 8.19 -36.31 19.91
C GLY B 10 7.62 -37.21 18.83
N GLY B 11 6.88 -36.62 17.90
CA GLY B 11 6.31 -37.35 16.78
C GLY B 11 6.99 -37.00 15.49
N LEU B 12 6.61 -35.87 14.91
CA LEU B 12 7.19 -35.38 13.66
C LEU B 12 8.01 -34.12 13.94
N VAL B 13 9.29 -34.15 13.58
CA VAL B 13 10.19 -33.04 13.88
C VAL B 13 10.72 -32.36 12.62
N ILE B 14 10.26 -31.13 12.38
CA ILE B 14 10.69 -30.36 11.22
C ILE B 14 11.88 -29.48 11.54
N ASP B 15 12.99 -29.70 10.85
CA ASP B 15 14.18 -28.89 11.03
C ASP B 15 14.70 -28.45 9.67
N MET B 16 14.35 -27.23 9.26
CA MET B 16 14.72 -26.72 7.94
C MET B 16 15.53 -25.43 8.04
N PRO B 17 16.84 -25.55 8.26
CA PRO B 17 17.72 -24.38 8.36
C PRO B 17 17.77 -23.56 7.07
N ALA B 18 17.43 -24.15 5.94
CA ALA B 18 17.52 -23.46 4.65
C ALA B 18 16.21 -22.77 4.27
N LEU B 19 15.20 -22.86 5.14
CA LEU B 19 13.95 -22.15 4.91
C LEU B 19 14.08 -20.74 5.47
N ASN B 20 15.00 -19.97 4.90
CA ASN B 20 15.25 -18.61 5.35
C ASN B 20 15.57 -17.68 4.19
N ARG B 21 14.84 -17.88 3.09
CA ARG B 21 15.04 -17.09 1.89
C ARG B 21 14.24 -15.79 1.95
N ILE B 22 14.90 -14.68 1.59
CA ILE B 22 14.20 -13.43 1.37
C ILE B 22 13.92 -13.33 -0.12
N HIS B 23 12.65 -13.46 -0.48
CA HIS B 23 12.27 -13.58 -1.89
C HIS B 23 12.33 -12.25 -2.64
N SER B 24 11.84 -11.18 -2.03
CA SER B 24 11.86 -9.87 -2.68
C SER B 24 11.77 -8.72 -1.69
N ILE B 25 12.46 -7.63 -2.03
CA ILE B 25 12.41 -6.40 -1.25
C ILE B 25 12.16 -5.23 -2.21
N ASP B 26 11.02 -4.57 -2.05
CA ASP B 26 10.69 -3.44 -2.92
C ASP B 26 10.43 -2.17 -2.10
N SER B 27 11.30 -1.18 -2.26
CA SER B 27 11.22 0.05 -1.47
C SER B 27 10.07 0.97 -1.88
N GLY B 28 9.55 0.78 -3.08
CA GLY B 28 8.44 1.58 -3.57
C GLY B 28 7.11 1.15 -2.98
N THR B 29 7.05 -0.09 -2.49
CA THR B 29 5.86 -0.61 -1.81
C THR B 29 6.11 -0.84 -0.34
N ARG B 30 7.38 -0.77 0.06
CA ARG B 30 7.83 -1.11 1.40
C ARG B 30 7.52 -2.56 1.74
N LEU B 31 7.30 -3.36 0.71
CA LEU B 31 6.88 -4.75 0.88
C LEU B 31 8.07 -5.71 0.83
N VAL B 32 8.04 -6.70 1.71
CA VAL B 32 9.02 -7.77 1.69
C VAL B 32 8.32 -9.13 1.67
N ASP B 33 8.64 -9.94 0.67
CA ASP B 33 8.15 -11.30 0.58
C ASP B 33 9.22 -12.20 1.18
N VAL B 34 8.86 -12.92 2.23
CA VAL B 34 9.87 -13.55 3.07
C VAL B 34 9.47 -14.93 3.62
N ASP B 35 10.43 -15.84 3.69
CA ASP B 35 10.22 -17.13 4.33
C ASP B 35 10.01 -16.90 5.82
N ALA B 36 9.23 -17.77 6.45
CA ALA B 36 8.92 -17.62 7.87
C ALA B 36 10.14 -17.90 8.75
N GLY B 37 11.13 -18.58 8.18
CA GLY B 37 12.32 -18.94 8.94
C GLY B 37 13.35 -17.82 8.95
N VAL B 38 13.10 -16.78 8.17
CA VAL B 38 13.96 -15.60 8.16
C VAL B 38 13.93 -14.93 9.52
N SER B 39 15.10 -14.66 10.09
CA SER B 39 15.17 -13.95 11.36
C SER B 39 15.01 -12.45 11.11
N LEU B 40 14.49 -11.74 12.10
CA LEU B 40 14.29 -10.29 11.95
C LEU B 40 15.63 -9.59 11.82
N ASP B 41 16.65 -10.12 12.49
CA ASP B 41 18.01 -9.61 12.38
C ASP B 41 18.49 -9.71 10.93
N GLN B 42 18.29 -10.88 10.33
CA GLN B 42 18.65 -11.11 8.93
C GLN B 42 17.89 -10.15 8.02
N LEU B 43 16.61 -9.94 8.34
CA LEU B 43 15.74 -9.09 7.54
C LEU B 43 16.19 -7.62 7.51
N MET B 44 16.56 -7.08 8.67
CA MET B 44 16.94 -5.67 8.74
C MET B 44 18.27 -5.37 8.05
N LYS B 45 19.19 -6.31 8.10
CA LYS B 45 20.47 -6.16 7.40
C LYS B 45 20.25 -6.12 5.88
N ALA B 46 19.23 -6.85 5.42
CA ALA B 46 18.92 -6.92 4.00
C ALA B 46 18.04 -5.77 3.55
N ALA B 47 17.18 -5.30 4.45
CA ALA B 47 16.22 -4.26 4.10
C ALA B 47 16.77 -2.85 4.27
N LEU B 48 17.81 -2.70 5.09
CA LEU B 48 18.38 -1.38 5.35
C LEU B 48 18.87 -0.62 4.11
N PRO B 49 19.64 -1.28 3.22
CA PRO B 49 20.10 -0.55 2.03
C PRO B 49 18.97 -0.12 1.10
N HIS B 50 17.78 -0.68 1.30
CA HIS B 50 16.63 -0.30 0.49
C HIS B 50 15.86 0.85 1.14
N GLY B 51 16.36 1.35 2.26
CA GLY B 51 15.70 2.41 2.98
C GLY B 51 14.44 1.91 3.67
N LEU B 52 14.50 0.67 4.13
CA LEU B 52 13.37 0.04 4.81
C LEU B 52 13.76 -0.37 6.22
N TRP B 53 12.81 -0.27 7.13
CA TRP B 53 13.05 -0.56 8.53
C TRP B 53 11.97 -1.52 9.02
N VAL B 54 12.39 -2.60 9.68
CA VAL B 54 11.44 -3.56 10.23
C VAL B 54 10.53 -2.89 11.26
N PRO B 55 9.22 -2.93 11.04
CA PRO B 55 8.21 -2.14 11.75
C PRO B 55 8.20 -2.33 13.27
N VAL B 56 8.48 -3.54 13.73
CA VAL B 56 8.60 -3.80 15.16
C VAL B 56 9.89 -4.55 15.44
N LEU B 57 10.80 -3.91 16.17
CA LEU B 57 12.10 -4.50 16.46
C LEU B 57 11.98 -5.66 17.44
N PRO B 58 12.84 -6.68 17.25
CA PRO B 58 12.81 -7.89 18.08
C PRO B 58 13.46 -7.70 19.44
N GLY B 59 13.86 -8.80 20.06
CA GLY B 59 14.59 -8.80 21.31
C GLY B 59 15.62 -9.91 21.29
N THR B 60 15.69 -10.59 20.14
CA THR B 60 16.63 -11.69 19.95
C THR B 60 17.06 -11.73 18.47
N ARG B 61 18.34 -11.97 18.23
CA ARG B 61 18.84 -12.04 16.86
C ARG B 61 18.46 -13.34 16.19
N GLN B 62 17.71 -14.19 16.91
CA GLN B 62 17.35 -15.50 16.38
C GLN B 62 15.84 -15.63 16.15
N VAL B 63 15.06 -14.67 16.65
CA VAL B 63 13.61 -14.73 16.47
C VAL B 63 13.23 -14.62 14.99
N THR B 64 12.31 -15.46 14.57
CA THR B 64 11.95 -15.55 13.16
C THR B 64 10.68 -14.77 12.84
N VAL B 65 10.48 -14.51 11.55
CA VAL B 65 9.27 -13.82 11.08
C VAL B 65 8.02 -14.60 11.50
N GLY B 66 8.06 -15.92 11.33
CA GLY B 66 6.97 -16.77 11.75
C GLY B 66 6.71 -16.66 13.25
N GLY B 67 7.78 -16.53 14.02
CA GLY B 67 7.66 -16.40 15.46
C GLY B 67 7.16 -15.04 15.89
N ALA B 68 7.60 -14.01 15.17
CA ALA B 68 7.19 -12.63 15.46
C ALA B 68 5.69 -12.46 15.22
N ILE B 69 5.18 -13.13 14.18
CA ILE B 69 3.76 -13.11 13.89
C ILE B 69 3.01 -13.94 14.93
N GLY B 70 3.58 -15.08 15.28
CA GLY B 70 2.96 -15.98 16.24
C GLY B 70 2.81 -15.38 17.62
N CYS B 71 3.85 -14.70 18.09
CA CYS B 71 3.81 -14.07 19.40
C CYS B 71 3.19 -12.68 19.31
N ASP B 72 3.06 -12.17 18.08
CA ASP B 72 2.57 -10.82 17.84
C ASP B 72 3.37 -9.83 18.67
N ILE B 73 4.68 -9.82 18.47
CA ILE B 73 5.59 -9.05 19.32
C ILE B 73 5.37 -7.54 19.23
N HIS B 74 5.81 -6.84 20.28
CA HIS B 74 5.70 -5.39 20.35
C HIS B 74 7.00 -4.81 20.88
N GLY B 75 7.19 -3.50 20.67
CA GLY B 75 8.40 -2.83 21.12
C GLY B 75 8.14 -1.45 21.70
N LYS B 76 9.16 -0.61 21.67
CA LYS B 76 9.08 0.74 22.24
C LYS B 76 8.24 1.69 21.36
N ASN B 77 7.76 1.19 20.23
CA ASN B 77 6.99 2.03 19.30
C ASN B 77 5.55 1.60 19.15
N HIS B 78 5.03 0.84 20.12
CA HIS B 78 3.69 0.29 20.00
C HIS B 78 2.60 1.37 19.94
N HIS B 79 2.81 2.48 20.63
CA HIS B 79 1.81 3.54 20.69
C HIS B 79 1.60 4.19 19.32
N SER B 80 2.58 4.04 18.42
CA SER B 80 2.48 4.64 17.10
C SER B 80 2.32 3.60 16.00
N ALA B 81 2.95 2.44 16.17
CA ALA B 81 2.98 1.43 15.11
C ALA B 81 2.14 0.20 15.42
N GLY B 82 1.71 0.06 16.66
CA GLY B 82 0.96 -1.11 17.07
C GLY B 82 1.87 -2.31 17.21
N SER B 83 1.33 -3.49 16.95
CA SER B 83 2.09 -4.74 17.09
C SER B 83 2.55 -5.26 15.73
N PHE B 84 3.34 -6.34 15.75
CA PHE B 84 3.90 -6.88 14.52
C PHE B 84 2.82 -7.36 13.54
N GLY B 85 1.70 -7.84 14.08
CA GLY B 85 0.61 -8.31 13.25
C GLY B 85 0.00 -7.19 12.40
N ASN B 86 0.10 -5.96 12.90
CA ASN B 86 -0.41 -4.79 12.19
C ASN B 86 0.20 -4.62 10.81
N HIS B 87 1.37 -5.18 10.60
CA HIS B 87 2.15 -4.90 9.41
C HIS B 87 2.25 -6.09 8.46
N VAL B 88 1.57 -7.19 8.81
CA VAL B 88 1.51 -8.35 7.94
C VAL B 88 0.41 -8.14 6.91
N ARG B 89 0.80 -8.10 5.63
CA ARG B 89 -0.16 -7.87 4.55
C ARG B 89 -0.76 -9.17 4.03
N SER B 90 -0.01 -10.26 4.17
CA SER B 90 -0.50 -11.60 3.85
C SER B 90 0.48 -12.65 4.34
N MET B 91 0.00 -13.89 4.47
CA MET B 91 0.86 -15.00 4.84
C MET B 91 0.28 -16.33 4.38
N GLU B 92 1.14 -17.33 4.25
CA GLU B 92 0.72 -18.67 3.85
C GLU B 92 0.75 -19.58 5.07
N LEU B 93 -0.40 -20.16 5.40
CA LEU B 93 -0.53 -21.00 6.58
C LEU B 93 -0.74 -22.46 6.21
N LEU B 94 0.15 -23.33 6.71
CA LEU B 94 0.00 -24.76 6.54
C LEU B 94 -0.91 -25.33 7.63
N THR B 95 -2.07 -25.83 7.23
CA THR B 95 -3.05 -26.32 8.20
C THR B 95 -3.03 -27.85 8.33
N ALA B 96 -3.76 -28.36 9.32
CA ALA B 96 -3.76 -29.78 9.66
C ALA B 96 -4.13 -30.70 8.50
N ASN B 97 -4.98 -30.21 7.59
CA ASN B 97 -5.41 -31.00 6.45
C ASN B 97 -4.41 -30.99 5.30
N GLY B 98 -3.22 -30.43 5.54
CA GLY B 98 -2.16 -30.41 4.55
C GLY B 98 -2.28 -29.26 3.57
N GLU B 99 -3.42 -28.56 3.62
CA GLU B 99 -3.67 -27.43 2.74
C GLU B 99 -2.83 -26.22 3.15
N VAL B 100 -2.43 -25.42 2.17
CA VAL B 100 -1.72 -24.18 2.44
C VAL B 100 -2.66 -22.99 2.20
N ARG B 101 -3.10 -22.36 3.28
CA ARG B 101 -4.09 -21.29 3.21
C ARG B 101 -3.46 -19.92 2.98
N HIS B 102 -4.04 -19.14 2.08
CA HIS B 102 -3.61 -17.76 1.85
C HIS B 102 -4.45 -16.81 2.70
N LEU B 103 -3.80 -16.17 3.67
CA LEU B 103 -4.52 -15.36 4.65
C LEU B 103 -4.26 -13.86 4.46
N THR B 104 -5.33 -13.07 4.52
CA THR B 104 -5.23 -11.62 4.46
C THR B 104 -6.00 -11.02 5.63
N PRO B 105 -5.58 -9.83 6.11
CA PRO B 105 -6.18 -9.25 7.30
C PRO B 105 -7.59 -8.68 7.10
N ALA B 106 -8.04 -8.53 5.86
CA ALA B 106 -9.34 -7.91 5.60
C ALA B 106 -10.19 -8.61 4.54
N GLY B 107 -9.64 -9.64 3.91
CA GLY B 107 -10.40 -10.41 2.94
C GLY B 107 -11.12 -11.56 3.63
N PRO B 108 -11.65 -12.51 2.84
CA PRO B 108 -12.15 -13.72 3.48
C PRO B 108 -10.97 -14.45 4.10
N ASP B 109 -11.23 -15.30 5.09
CA ASP B 109 -10.16 -15.96 5.87
C ASP B 109 -9.45 -14.99 6.83
N SER B 110 -10.00 -13.80 7.01
CA SER B 110 -9.41 -12.82 7.92
C SER B 110 -9.55 -13.27 9.37
N ASP B 111 -10.60 -14.03 9.67
CA ASP B 111 -10.78 -14.59 10.99
C ASP B 111 -9.64 -15.54 11.33
N LEU B 112 -9.27 -16.38 10.37
CA LEU B 112 -8.15 -17.30 10.53
C LEU B 112 -6.83 -16.51 10.57
N PHE B 113 -6.77 -15.43 9.79
CA PHE B 113 -5.59 -14.57 9.77
C PHE B 113 -5.29 -14.02 11.15
N TRP B 114 -6.31 -13.47 11.79
CA TRP B 114 -6.14 -12.82 13.09
C TRP B 114 -6.07 -13.82 14.24
N ALA B 115 -6.54 -15.03 14.00
CA ALA B 115 -6.37 -16.11 14.98
C ALA B 115 -4.94 -16.62 14.92
N THR B 116 -4.32 -16.45 13.76
CA THR B 116 -2.93 -16.87 13.54
C THR B 116 -1.96 -15.90 14.19
N VAL B 117 -2.24 -14.61 14.07
CA VAL B 117 -1.43 -13.58 14.70
C VAL B 117 -1.44 -13.74 16.22
N GLY B 118 -2.60 -14.09 16.76
CA GLY B 118 -2.71 -14.27 18.20
C GLY B 118 -1.97 -15.53 18.67
N GLY B 119 -2.16 -16.63 17.95
CA GLY B 119 -1.67 -17.89 18.46
C GLY B 119 -0.20 -18.19 18.16
N ASN B 120 0.35 -19.07 18.98
CA ASN B 120 1.73 -19.52 18.81
C ASN B 120 1.79 -20.79 17.99
N GLY B 121 1.46 -20.69 16.71
CA GLY B 121 1.50 -21.82 15.80
C GLY B 121 0.43 -22.89 16.01
N LEU B 122 -0.46 -22.69 16.97
CA LEU B 122 -1.53 -23.65 17.25
C LEU B 122 -2.58 -23.66 16.13
N THR B 123 -2.51 -22.66 15.26
CA THR B 123 -3.46 -22.56 14.16
C THR B 123 -2.87 -23.22 12.92
N GLY B 124 -1.61 -23.65 13.01
CA GLY B 124 -0.90 -24.19 11.88
C GLY B 124 0.48 -23.58 11.76
N ILE B 125 1.21 -23.96 10.72
CA ILE B 125 2.57 -23.48 10.54
C ILE B 125 2.62 -22.35 9.51
N ILE B 126 3.14 -21.20 9.95
CA ILE B 126 3.37 -20.08 9.04
C ILE B 126 4.61 -20.40 8.20
N LEU B 127 4.45 -20.36 6.88
CA LEU B 127 5.52 -20.75 5.97
C LEU B 127 6.17 -19.56 5.26
N ARG B 128 5.35 -18.60 4.85
CA ARG B 128 5.83 -17.43 4.13
C ARG B 128 4.91 -16.26 4.45
N ALA B 129 5.44 -15.04 4.38
CA ALA B 129 4.65 -13.86 4.69
C ALA B 129 5.10 -12.63 3.90
N THR B 130 4.14 -11.74 3.64
CA THR B 130 4.45 -10.44 3.04
C THR B 130 4.25 -9.35 4.10
N ILE B 131 5.33 -8.64 4.41
CA ILE B 131 5.32 -7.65 5.48
C ILE B 131 5.54 -6.25 4.91
N GLU B 132 4.79 -5.28 5.42
CA GLU B 132 5.01 -3.90 5.03
C GLU B 132 6.03 -3.25 5.96
N MET B 133 7.13 -2.78 5.38
CA MET B 133 8.23 -2.21 6.13
C MET B 133 7.99 -0.73 6.40
N THR B 134 8.77 -0.16 7.30
CA THR B 134 8.72 1.27 7.57
C THR B 134 9.81 1.98 6.77
N PRO B 135 9.43 2.93 5.92
CA PRO B 135 10.41 3.67 5.13
C PRO B 135 11.30 4.54 6.02
N THR B 136 12.60 4.55 5.74
CA THR B 136 13.54 5.36 6.50
C THR B 136 14.66 5.89 5.63
N GLU B 137 15.18 7.07 5.99
CA GLU B 137 16.28 7.67 5.26
C GLU B 137 17.62 7.30 5.89
N THR B 138 17.59 6.99 7.19
CA THR B 138 18.80 6.65 7.92
C THR B 138 18.58 5.44 8.82
N ALA B 139 19.66 4.98 9.45
CA ALA B 139 19.58 3.90 10.42
C ALA B 139 19.81 4.44 11.83
N TYR B 140 19.53 5.72 12.02
CA TYR B 140 19.80 6.38 13.29
C TYR B 140 18.54 6.96 13.93
N PHE B 141 18.58 7.12 15.25
CA PHE B 141 17.50 7.76 15.99
C PHE B 141 17.93 9.15 16.46
N ILE B 142 16.98 10.07 16.51
CA ILE B 142 17.19 11.36 17.15
C ILE B 142 16.27 11.43 18.37
N ALA B 143 16.87 11.65 19.54
CA ALA B 143 16.14 11.44 20.78
C ALA B 143 16.21 12.58 21.80
N ASP B 144 15.26 12.57 22.73
CA ASP B 144 15.24 13.47 23.87
C ASP B 144 15.30 12.67 25.16
N GLY B 145 16.07 13.16 26.12
CA GLY B 145 16.15 12.52 27.42
C GLY B 145 15.52 13.35 28.51
N ASP B 146 14.78 12.70 29.40
CA ASP B 146 14.15 13.40 30.52
C ASP B 146 14.22 12.59 31.81
N VAL B 147 14.06 13.27 32.94
CA VAL B 147 14.06 12.63 34.24
C VAL B 147 12.92 13.17 35.08
N THR B 148 12.15 12.26 35.70
CA THR B 148 11.09 12.66 36.61
C THR B 148 11.47 12.32 38.05
N GLY B 149 10.76 12.91 39.01
CA GLY B 149 11.10 12.77 40.41
C GLY B 149 10.20 11.84 41.20
N SER B 150 9.07 11.45 40.60
CA SER B 150 8.12 10.57 41.28
C SER B 150 7.24 9.81 40.29
N LEU B 151 6.48 8.85 40.81
CA LEU B 151 5.56 8.08 39.99
C LEU B 151 4.51 8.99 39.36
N ASP B 152 4.01 9.93 40.15
CA ASP B 152 2.99 10.87 39.69
C ASP B 152 3.50 11.71 38.52
N GLU B 153 4.76 12.11 38.59
CA GLU B 153 5.37 12.90 37.52
C GLU B 153 5.52 12.06 36.25
N THR B 154 5.92 10.80 36.43
CA THR B 154 6.08 9.88 35.31
C THR B 154 4.75 9.68 34.58
N ILE B 155 3.67 9.54 35.34
CA ILE B 155 2.34 9.43 34.77
C ILE B 155 1.96 10.70 34.01
N ALA B 156 2.17 11.84 34.66
CA ALA B 156 1.84 13.14 34.07
C ALA B 156 2.66 13.41 32.81
N PHE B 157 3.88 12.88 32.78
CA PHE B 157 4.77 13.06 31.65
C PHE B 157 4.23 12.37 30.40
N HIS B 158 3.52 11.27 30.60
CA HIS B 158 2.98 10.50 29.48
C HIS B 158 1.53 10.87 29.19
N SER B 159 1.01 11.86 29.90
CA SER B 159 -0.40 12.21 29.80
C SER B 159 -0.65 13.57 29.15
N ASP B 160 0.41 14.20 28.65
CA ASP B 160 0.29 15.52 28.03
C ASP B 160 0.01 15.44 26.53
N GLY B 161 -0.12 14.22 26.02
CA GLY B 161 -0.36 14.01 24.61
C GLY B 161 0.85 14.24 23.74
N SER B 162 2.02 14.30 24.37
CA SER B 162 3.26 14.56 23.66
C SER B 162 3.83 13.29 23.04
N GLU B 163 3.17 12.16 23.28
CA GLU B 163 3.57 10.88 22.69
C GLU B 163 3.45 10.90 21.18
N ALA B 164 2.66 11.84 20.66
CA ALA B 164 2.47 11.98 19.23
C ALA B 164 3.69 12.59 18.53
N ASN B 165 4.64 13.08 19.32
CA ASN B 165 5.84 13.71 18.78
C ASN B 165 7.05 12.78 18.74
N TYR B 166 6.85 11.54 19.17
CA TYR B 166 7.90 10.54 19.14
C TYR B 166 7.32 9.18 18.77
N THR B 167 7.91 8.53 17.78
CA THR B 167 7.44 7.22 17.36
C THR B 167 7.88 6.14 18.37
N TYR B 168 9.00 6.36 19.03
CA TYR B 168 9.52 5.43 20.03
C TYR B 168 9.57 6.08 21.41
N SER B 169 9.26 5.30 22.45
CA SER B 169 9.25 5.82 23.81
C SER B 169 9.26 4.72 24.85
N SER B 170 10.11 4.87 25.86
CA SER B 170 10.15 3.96 27.00
C SER B 170 10.80 4.64 28.19
N ALA B 171 10.59 4.09 29.38
CA ALA B 171 11.13 4.67 30.60
C ALA B 171 11.60 3.61 31.59
N TRP B 172 12.67 3.91 32.31
CA TRP B 172 13.13 3.05 33.39
C TRP B 172 12.84 3.73 34.73
N PHE B 173 11.99 3.10 35.54
CA PHE B 173 11.57 3.72 36.80
C PHE B 173 12.12 3.04 38.03
N ASP B 174 12.26 3.82 39.11
CA ASP B 174 12.66 3.30 40.41
C ASP B 174 11.50 2.55 41.02
N ALA B 175 11.72 1.28 41.36
CA ALA B 175 10.68 0.45 41.95
C ALA B 175 11.07 0.05 43.37
N ILE B 176 12.28 0.44 43.78
CA ILE B 176 12.82 0.03 45.07
C ILE B 176 12.65 1.12 46.13
N SER B 177 12.80 2.37 45.71
CA SER B 177 12.72 3.50 46.63
C SER B 177 11.34 3.67 47.26
N LYS B 178 11.32 4.15 48.49
CA LYS B 178 10.10 4.49 49.19
C LYS B 178 9.60 5.82 48.65
N PRO B 179 8.26 5.99 48.54
CA PRO B 179 7.68 7.27 48.13
C PRO B 179 8.20 8.42 48.99
N PRO B 180 8.26 9.64 48.44
CA PRO B 180 7.78 10.01 47.10
C PRO B 180 8.77 9.71 45.98
N LYS B 181 9.89 9.07 46.31
CA LYS B 181 10.89 8.73 45.31
C LYS B 181 10.40 7.64 44.36
N LEU B 182 9.53 6.76 44.85
CA LEU B 182 9.03 5.63 44.08
C LEU B 182 8.41 6.07 42.75
N GLY B 183 8.87 5.44 41.66
CA GLY B 183 8.31 5.70 40.35
C GLY B 183 9.03 6.78 39.56
N ARG B 184 10.07 7.36 40.14
CA ARG B 184 10.88 8.32 39.41
C ARG B 184 11.54 7.60 38.23
N ALA B 185 11.58 8.25 37.08
CA ALA B 185 11.98 7.56 35.86
C ALA B 185 13.02 8.28 35.02
N ALA B 186 13.80 7.50 34.27
CA ALA B 186 14.67 8.02 33.24
C ALA B 186 14.02 7.73 31.90
N ILE B 187 13.48 8.77 31.27
CA ILE B 187 12.66 8.60 30.08
C ILE B 187 13.43 8.88 28.79
N SER B 188 13.32 7.96 27.84
CA SER B 188 13.98 8.10 26.55
C SER B 188 12.97 8.01 25.40
N ARG B 189 12.86 9.08 24.62
CA ARG B 189 11.94 9.13 23.50
C ARG B 189 12.63 9.63 22.25
N GLY B 190 12.22 9.15 21.08
CA GLY B 190 12.83 9.55 19.84
C GLY B 190 12.17 9.00 18.59
N SER B 191 12.77 9.28 17.43
CA SER B 191 12.24 8.82 16.15
C SER B 191 13.38 8.49 15.20
N LEU B 192 13.07 7.85 14.07
CA LEU B 192 14.06 7.64 13.02
C LEU B 192 14.54 8.99 12.51
N ALA B 193 15.86 9.15 12.39
CA ALA B 193 16.42 10.40 11.92
C ALA B 193 16.27 10.58 10.42
N LYS B 194 15.87 11.78 10.00
CA LYS B 194 15.91 12.13 8.59
C LYS B 194 17.35 12.38 8.19
N LEU B 195 17.64 12.31 6.90
CA LEU B 195 19.02 12.44 6.41
C LEU B 195 19.64 13.78 6.78
N ASP B 196 18.85 14.84 6.70
CA ASP B 196 19.35 16.20 6.98
C ASP B 196 19.57 16.44 8.47
N GLN B 197 19.19 15.47 9.30
CA GLN B 197 19.36 15.59 10.75
C GLN B 197 20.67 14.97 11.24
N LEU B 198 21.35 14.26 10.35
CA LEU B 198 22.63 13.64 10.70
C LEU B 198 23.78 14.63 10.50
N PRO B 199 24.84 14.49 11.30
CA PRO B 199 26.09 15.22 11.02
C PRO B 199 26.68 14.72 9.70
N SER B 200 27.41 15.57 9.01
CA SER B 200 27.91 15.25 7.67
C SER B 200 28.83 14.02 7.64
N LYS B 201 29.45 13.72 8.77
CA LYS B 201 30.30 12.54 8.89
C LYS B 201 29.51 11.27 8.60
N LEU B 202 28.24 11.26 9.00
CA LEU B 202 27.41 10.07 8.91
C LEU B 202 26.52 10.05 7.66
N GLN B 203 26.44 11.18 6.96
CA GLN B 203 25.60 11.28 5.77
C GLN B 203 26.19 10.53 4.58
N LYS B 204 27.47 10.17 4.67
CA LYS B 204 28.11 9.40 3.62
C LYS B 204 27.54 7.99 3.56
N ASP B 205 27.30 7.41 4.73
CA ASP B 205 26.71 6.08 4.83
C ASP B 205 25.55 6.10 5.84
N PRO B 206 24.41 6.67 5.42
CA PRO B 206 23.25 6.90 6.29
C PRO B 206 22.57 5.61 6.75
N LEU B 207 22.72 4.55 5.97
CA LEU B 207 22.03 3.29 6.25
C LEU B 207 23.00 2.19 6.68
N LYS B 208 23.94 2.54 7.54
CA LYS B 208 24.96 1.59 7.98
C LYS B 208 24.55 0.87 9.26
N PHE B 209 24.85 -0.43 9.32
CA PHE B 209 24.62 -1.22 10.52
C PHE B 209 25.93 -1.63 11.18
N GLY B 243 21.41 12.39 31.47
CA GLY B 243 20.09 12.29 32.07
C GLY B 243 19.07 13.09 31.31
N THR B 244 19.36 14.37 31.10
CA THR B 244 18.48 15.25 30.33
C THR B 244 19.20 15.76 29.09
N TYR B 245 18.58 15.57 27.92
CA TYR B 245 19.19 15.98 26.65
C TYR B 245 18.15 16.18 25.55
N ARG B 246 18.55 16.89 24.50
CA ARG B 246 17.65 17.14 23.38
C ARG B 246 18.33 16.83 22.05
N ASN B 247 17.56 16.30 21.10
CA ASN B 247 18.03 16.03 19.74
C ASN B 247 19.36 15.29 19.64
N LYS B 248 19.54 14.28 20.49
CA LYS B 248 20.77 13.49 20.43
C LYS B 248 20.68 12.40 19.36
N VAL B 249 21.63 12.40 18.43
CA VAL B 249 21.68 11.40 17.38
C VAL B 249 22.41 10.15 17.86
N GLN B 250 21.72 9.01 17.82
CA GLN B 250 22.31 7.76 18.27
C GLN B 250 21.84 6.59 17.41
N ASN B 251 22.66 5.55 17.31
CA ASN B 251 22.34 4.39 16.48
C ASN B 251 21.43 3.38 17.18
N LEU B 252 21.34 2.20 16.61
CA LEU B 252 20.42 1.17 17.10
C LEU B 252 20.81 0.64 18.48
N THR B 253 22.12 0.48 18.70
CA THR B 253 22.60 -0.06 19.96
C THR B 253 22.78 1.00 21.05
N GLN B 254 22.54 2.27 20.71
CA GLN B 254 22.65 3.38 21.66
C GLN B 254 21.28 3.89 22.13
N PHE B 255 20.31 3.89 21.23
CA PHE B 255 18.94 4.27 21.57
C PHE B 255 18.12 3.09 22.12
N TYR B 256 18.02 2.02 21.34
CA TYR B 256 17.20 0.86 21.70
C TYR B 256 17.89 -0.02 22.76
N HIS B 257 19.22 0.06 22.86
CA HIS B 257 20.02 -0.75 23.79
C HIS B 257 19.75 -2.24 23.69
N GLY B 273 17.55 -17.06 37.38
CA GLY B 273 17.66 -16.55 38.72
C GLY B 273 16.66 -15.44 39.00
N PHE B 274 15.90 -15.07 37.98
CA PHE B 274 14.89 -14.02 38.11
C PHE B 274 13.55 -14.47 37.56
N LEU B 275 12.51 -13.67 37.80
CA LEU B 275 11.19 -13.94 37.27
C LEU B 275 10.67 -12.75 36.50
N GLN B 276 10.63 -12.86 35.18
CA GLN B 276 10.13 -11.78 34.33
C GLN B 276 8.63 -11.64 34.49
N TYR B 277 8.19 -10.44 34.87
CA TYR B 277 6.76 -10.17 35.05
C TYR B 277 6.37 -8.92 34.28
N GLN B 278 5.44 -9.09 33.34
CA GLN B 278 4.97 -7.98 32.54
C GLN B 278 3.45 -7.92 32.53
N PHE B 279 2.90 -6.73 32.76
CA PHE B 279 1.45 -6.56 32.73
C PHE B 279 1.06 -5.22 32.10
N VAL B 280 -0.24 -5.04 31.90
CA VAL B 280 -0.76 -3.79 31.39
C VAL B 280 -2.10 -3.45 32.03
N VAL B 281 -2.22 -2.24 32.55
CA VAL B 281 -3.46 -1.77 33.16
C VAL B 281 -4.05 -0.68 32.27
N PRO B 282 -5.37 -0.77 31.99
CA PRO B 282 -6.08 0.20 31.15
C PRO B 282 -5.80 1.65 31.54
N THR B 283 -5.77 2.54 30.55
CA THR B 283 -5.35 3.92 30.74
C THR B 283 -6.11 4.66 31.85
N GLU B 284 -7.42 4.54 31.84
CA GLU B 284 -8.27 5.27 32.79
C GLU B 284 -8.07 4.82 34.23
N ALA B 285 -7.68 3.57 34.43
CA ALA B 285 -7.44 3.05 35.78
C ALA B 285 -6.07 3.47 36.31
N VAL B 286 -5.83 4.77 36.35
CA VAL B 286 -4.53 5.30 36.76
C VAL B 286 -4.30 5.19 38.27
N GLU B 287 -5.32 5.47 39.07
CA GLU B 287 -5.21 5.33 40.52
C GLU B 287 -5.00 3.88 40.92
N GLU B 288 -5.64 2.98 40.17
CA GLU B 288 -5.51 1.55 40.41
C GLU B 288 -4.13 1.06 39.99
N PHE B 289 -3.58 1.67 38.93
CA PHE B 289 -2.25 1.34 38.48
C PHE B 289 -1.20 1.76 39.49
N LYS B 290 -1.30 3.00 39.98
CA LYS B 290 -0.39 3.51 41.01
C LYS B 290 -0.41 2.60 42.23
N SER B 291 -1.60 2.15 42.61
CA SER B 291 -1.79 1.28 43.76
C SER B 291 -0.97 0.00 43.63
N ILE B 292 -0.94 -0.57 42.43
CA ILE B 292 -0.18 -1.79 42.17
C ILE B 292 1.32 -1.55 42.35
N ILE B 293 1.80 -0.43 41.82
CA ILE B 293 3.21 -0.07 41.92
C ILE B 293 3.61 0.14 43.38
N VAL B 294 2.77 0.86 44.13
CA VAL B 294 3.02 1.10 45.54
C VAL B 294 3.09 -0.19 46.33
N ASP B 295 2.11 -1.07 46.10
CA ASP B 295 2.05 -2.34 46.82
C ASP B 295 3.22 -3.28 46.50
N ILE B 296 3.72 -3.20 45.27
CA ILE B 296 4.90 -3.96 44.90
C ILE B 296 6.09 -3.52 45.73
N GLN B 297 6.27 -2.22 45.85
CA GLN B 297 7.35 -1.64 46.64
C GLN B 297 7.21 -2.01 48.12
N ARG B 298 5.98 -2.08 48.59
CA ARG B 298 5.71 -2.44 49.98
C ARG B 298 6.00 -3.92 50.25
N SER B 299 5.76 -4.76 49.23
CA SER B 299 5.89 -6.20 49.39
C SER B 299 7.31 -6.64 49.71
N GLY B 300 8.29 -5.83 49.31
CA GLY B 300 9.68 -6.14 49.58
C GLY B 300 10.40 -6.79 48.41
N HIS B 301 9.63 -7.17 47.39
CA HIS B 301 10.20 -7.78 46.20
C HIS B 301 10.78 -6.69 45.28
N TYR B 302 12.04 -6.36 45.49
CA TYR B 302 12.68 -5.24 44.82
C TYR B 302 13.24 -5.62 43.44
N SER B 303 12.78 -4.92 42.42
CA SER B 303 13.28 -5.11 41.06
C SER B 303 14.11 -3.91 40.63
N PHE B 304 15.31 -4.16 40.11
CA PHE B 304 16.20 -3.09 39.67
C PHE B 304 15.83 -2.60 38.27
N LEU B 305 15.74 -3.52 37.33
CA LEU B 305 15.38 -3.17 35.96
C LEU B 305 13.86 -3.13 35.80
N ASN B 306 13.32 -1.94 35.56
CA ASN B 306 11.89 -1.76 35.44
C ASN B 306 11.54 -0.89 34.25
N VAL B 307 10.80 -1.45 33.29
CA VAL B 307 10.45 -0.72 32.08
C VAL B 307 9.01 -0.24 32.09
N PHE B 308 8.82 1.06 31.81
CA PHE B 308 7.52 1.68 31.79
C PHE B 308 7.18 2.13 30.37
N LYS B 309 5.93 1.96 29.98
CA LYS B 309 5.51 2.30 28.61
C LYS B 309 3.99 2.45 28.50
N LEU B 310 3.55 3.32 27.61
CA LEU B 310 2.12 3.52 27.37
C LEU B 310 1.72 2.91 26.03
N PHE B 311 0.95 1.83 26.08
CA PHE B 311 0.49 1.16 24.87
C PHE B 311 -0.57 1.97 24.13
N GLY B 312 -0.60 1.82 22.81
CA GLY B 312 -1.65 2.39 22.00
C GLY B 312 -2.78 1.39 21.80
N PRO B 313 -3.62 1.61 20.79
CA PRO B 313 -4.73 0.70 20.46
C PRO B 313 -4.26 -0.70 20.10
N GLY B 314 -5.17 -1.67 20.13
CA GLY B 314 -4.82 -3.05 19.89
C GLY B 314 -5.24 -3.61 18.54
N ASN B 315 -4.99 -4.90 18.33
CA ASN B 315 -5.29 -5.58 17.08
C ASN B 315 -6.71 -6.13 17.01
N GLN B 316 -7.01 -6.79 15.89
CA GLN B 316 -8.22 -7.58 15.76
C GLN B 316 -7.91 -9.01 16.19
N ALA B 317 -6.67 -9.24 16.61
CA ALA B 317 -6.23 -10.56 17.02
C ALA B 317 -6.71 -10.87 18.43
N PRO B 318 -7.52 -11.94 18.58
CA PRO B 318 -8.14 -12.34 19.84
C PRO B 318 -7.15 -12.58 20.98
N LEU B 319 -5.96 -13.09 20.65
CA LEU B 319 -4.98 -13.41 21.68
C LEU B 319 -3.78 -12.47 21.67
N SER B 320 -3.95 -11.32 21.03
CA SER B 320 -2.92 -10.27 21.07
C SER B 320 -2.84 -9.70 22.47
N PHE B 321 -1.64 -9.65 23.03
CA PHE B 321 -1.42 -9.16 24.38
C PHE B 321 -1.72 -7.67 24.61
N PRO B 322 -1.17 -6.77 23.78
CA PRO B 322 -1.30 -5.34 24.13
C PRO B 322 -2.73 -4.79 24.12
N ILE B 323 -3.05 -4.04 25.16
CA ILE B 323 -4.25 -3.20 25.19
C ILE B 323 -3.75 -1.80 25.56
N PRO B 324 -4.51 -0.75 25.17
CA PRO B 324 -4.05 0.60 25.52
C PRO B 324 -4.02 0.81 27.03
N GLY B 325 -2.90 1.32 27.54
CA GLY B 325 -2.76 1.53 28.97
C GLY B 325 -1.32 1.49 29.44
N TRP B 326 -1.15 1.20 30.73
CA TRP B 326 0.16 1.29 31.36
C TRP B 326 0.90 -0.05 31.37
N ASN B 327 1.96 -0.14 30.56
CA ASN B 327 2.76 -1.35 30.46
C ASN B 327 3.97 -1.31 31.38
N VAL B 328 4.15 -2.34 32.19
CA VAL B 328 5.28 -2.43 33.11
C VAL B 328 5.97 -3.78 33.03
N CYS B 329 7.30 -3.76 32.88
CA CYS B 329 8.09 -4.99 32.91
C CYS B 329 9.06 -4.96 34.08
N VAL B 330 8.88 -5.89 35.02
CA VAL B 330 9.77 -5.98 36.16
C VAL B 330 10.47 -7.34 36.21
N ASP B 331 11.67 -7.36 36.75
CA ASP B 331 12.42 -8.60 36.93
C ASP B 331 12.55 -8.91 38.41
N PHE B 332 11.67 -9.78 38.91
CA PHE B 332 11.65 -10.13 40.33
C PHE B 332 12.74 -11.13 40.68
N PRO B 333 13.62 -10.78 41.62
CA PRO B 333 14.57 -11.74 42.19
C PRO B 333 13.82 -12.86 42.89
N ILE B 334 14.19 -14.10 42.61
CA ILE B 334 13.47 -15.24 43.17
C ILE B 334 13.73 -15.38 44.67
N LYS B 335 12.92 -14.68 45.46
CA LYS B 335 12.99 -14.77 46.91
C LYS B 335 11.93 -15.72 47.46
N ALA B 336 11.91 -15.88 48.78
CA ALA B 336 10.91 -16.72 49.42
C ALA B 336 9.58 -15.99 49.51
N GLY B 337 8.52 -16.67 49.09
CA GLY B 337 7.19 -16.09 49.12
C GLY B 337 6.88 -15.28 47.87
N LEU B 338 7.69 -15.48 46.83
CA LEU B 338 7.51 -14.75 45.58
C LEU B 338 6.29 -15.26 44.81
N HIS B 339 6.15 -16.59 44.74
CA HIS B 339 5.06 -17.20 44.00
C HIS B 339 3.69 -16.88 44.61
N GLU B 340 3.67 -16.64 45.93
CA GLU B 340 2.45 -16.22 46.60
C GLU B 340 2.09 -14.80 46.18
N PHE B 341 3.10 -13.94 46.13
CA PHE B 341 2.91 -12.54 45.76
C PHE B 341 2.48 -12.39 44.30
N VAL B 342 3.08 -13.19 43.43
CA VAL B 342 2.74 -13.19 42.01
C VAL B 342 1.28 -13.55 41.80
N THR B 343 0.83 -14.61 42.46
CA THR B 343 -0.57 -14.99 42.46
C THR B 343 -1.42 -13.83 42.95
N GLU B 344 -0.97 -13.21 44.03
CA GLU B 344 -1.65 -12.05 44.58
C GLU B 344 -1.45 -10.81 43.71
N LEU B 345 -0.48 -10.88 42.80
CA LEU B 345 -0.28 -9.79 41.85
C LEU B 345 -1.13 -10.00 40.60
N ASP B 346 -1.37 -11.26 40.26
CA ASP B 346 -2.18 -11.60 39.09
C ASP B 346 -3.64 -11.17 39.25
N ARG B 347 -4.21 -11.45 40.41
CA ARG B 347 -5.61 -11.14 40.67
C ARG B 347 -5.86 -9.64 40.65
N ARG B 348 -4.89 -8.88 41.17
CA ARG B 348 -4.97 -7.42 41.19
C ARG B 348 -4.98 -6.82 39.79
N VAL B 349 -4.09 -7.33 38.94
CA VAL B 349 -4.02 -6.86 37.56
C VAL B 349 -5.31 -7.15 36.83
N LEU B 350 -5.80 -8.39 36.94
CA LEU B 350 -7.05 -8.78 36.31
C LEU B 350 -8.24 -8.02 36.87
N GLU B 351 -8.19 -7.71 38.16
CA GLU B 351 -9.29 -7.02 38.85
C GLU B 351 -9.64 -5.69 38.19
N PHE B 352 -8.62 -4.97 37.76
CA PHE B 352 -8.81 -3.64 37.19
C PHE B 352 -9.02 -3.67 35.67
N GLY B 353 -9.15 -4.88 35.13
CA GLY B 353 -9.36 -5.04 33.70
C GLY B 353 -8.04 -5.13 32.95
N GLY B 354 -6.97 -5.44 33.69
CA GLY B 354 -5.65 -5.53 33.11
C GLY B 354 -5.38 -6.87 32.47
N ARG B 355 -4.13 -7.07 32.05
CA ARG B 355 -3.74 -8.30 31.36
C ARG B 355 -2.29 -8.61 31.65
N LEU B 356 -1.95 -9.90 31.67
CA LEU B 356 -0.58 -10.34 31.94
C LEU B 356 0.09 -10.84 30.66
N TYR B 357 1.41 -10.78 30.65
CA TYR B 357 2.17 -11.31 29.52
C TYR B 357 2.48 -12.78 29.79
N THR B 358 2.27 -13.63 28.78
CA THR B 358 2.40 -15.07 28.97
C THR B 358 3.53 -15.68 28.17
N ALA B 359 4.65 -15.94 28.84
CA ALA B 359 5.77 -16.65 28.23
C ALA B 359 5.74 -18.10 28.69
N LYS B 360 6.83 -18.83 28.45
CA LYS B 360 6.94 -20.20 28.94
C LYS B 360 7.18 -20.19 30.45
N ASP B 361 7.61 -19.05 30.97
CA ASP B 361 7.92 -18.90 32.39
C ASP B 361 6.68 -18.65 33.24
N SER B 362 5.51 -18.94 32.69
CA SER B 362 4.26 -18.90 33.44
C SER B 362 3.82 -20.33 33.73
N ARG B 363 3.36 -20.65 34.94
CA ARG B 363 3.03 -19.76 36.07
C ARG B 363 1.86 -18.81 35.77
N THR B 364 0.87 -19.35 35.08
CA THR B 364 -0.40 -18.67 34.84
C THR B 364 -1.48 -19.73 34.63
N THR B 365 -2.53 -19.65 35.43
CA THR B 365 -3.59 -20.65 35.37
C THR B 365 -4.50 -20.43 34.15
N ALA B 366 -5.22 -21.48 33.79
CA ALA B 366 -6.14 -21.40 32.65
C ALA B 366 -7.28 -20.43 32.91
N GLU B 367 -7.73 -20.36 34.16
CA GLU B 367 -8.82 -19.46 34.54
C GLU B 367 -8.42 -18.01 34.31
N THR B 368 -7.21 -17.67 34.74
CA THR B 368 -6.67 -16.33 34.57
C THR B 368 -6.52 -16.00 33.10
N PHE B 369 -6.03 -16.96 32.32
CA PHE B 369 -5.81 -16.77 30.89
C PHE B 369 -7.12 -16.54 30.16
N HIS B 370 -8.14 -17.34 30.49
CA HIS B 370 -9.45 -17.21 29.87
C HIS B 370 -10.14 -15.91 30.27
N ALA B 371 -9.81 -15.42 31.46
CA ALA B 371 -10.39 -14.17 31.96
C ALA B 371 -9.72 -12.96 31.31
N MET B 372 -8.43 -13.08 31.01
CA MET B 372 -7.68 -12.01 30.37
C MET B 372 -8.18 -11.69 28.97
N TYR B 373 -8.58 -12.73 28.25
CA TYR B 373 -8.98 -12.57 26.85
C TYR B 373 -10.46 -12.85 26.64
N PRO B 374 -11.28 -11.79 26.57
CA PRO B 374 -12.73 -11.90 26.39
C PRO B 374 -13.14 -12.60 25.09
N ARG B 375 -12.24 -12.66 24.11
CA ARG B 375 -12.55 -13.28 22.82
C ARG B 375 -11.93 -14.66 22.67
N ILE B 376 -11.51 -15.26 23.79
CA ILE B 376 -10.81 -16.54 23.76
C ILE B 376 -11.68 -17.67 23.19
N ASP B 377 -12.97 -17.64 23.47
CA ASP B 377 -13.87 -18.68 22.97
C ASP B 377 -14.00 -18.61 21.46
N GLU B 378 -14.01 -17.38 20.93
CA GLU B 378 -14.06 -17.17 19.49
C GLU B 378 -12.81 -17.75 18.85
N TRP B 379 -11.67 -17.56 19.50
CA TRP B 379 -10.39 -18.07 18.99
C TRP B 379 -10.34 -19.60 19.02
N ILE B 380 -10.76 -20.18 20.14
CA ILE B 380 -10.77 -21.62 20.31
C ILE B 380 -11.62 -22.32 19.25
N ARG B 381 -12.77 -21.72 18.93
CA ARG B 381 -13.63 -22.25 17.87
C ARG B 381 -12.88 -22.31 16.55
N ILE B 382 -12.13 -21.25 16.26
CA ILE B 382 -11.34 -21.18 15.04
C ILE B 382 -10.24 -22.23 15.03
N ARG B 383 -9.55 -22.39 16.16
CA ARG B 383 -8.49 -23.38 16.27
C ARG B 383 -9.03 -24.79 16.02
N ARG B 384 -10.21 -25.07 16.56
CA ARG B 384 -10.85 -26.37 16.38
C ARG B 384 -11.22 -26.65 14.92
N SER B 385 -11.73 -25.62 14.24
CA SER B 385 -12.15 -25.77 12.86
C SER B 385 -10.96 -25.98 11.94
N VAL B 386 -9.79 -25.53 12.39
CA VAL B 386 -8.60 -25.60 11.57
C VAL B 386 -7.67 -26.74 12.01
N ASP B 387 -7.83 -27.18 13.26
CA ASP B 387 -7.02 -28.28 13.79
C ASP B 387 -7.81 -29.11 14.80
N PRO B 388 -8.80 -29.87 14.32
CA PRO B 388 -9.72 -30.62 15.21
C PRO B 388 -9.02 -31.67 16.08
N ASP B 389 -7.97 -32.31 15.58
CA ASP B 389 -7.29 -33.36 16.34
C ASP B 389 -6.11 -32.82 17.15
N GLY B 390 -5.91 -31.50 17.11
CA GLY B 390 -4.86 -30.87 17.88
C GLY B 390 -3.47 -31.35 17.51
N VAL B 391 -3.20 -31.41 16.21
CA VAL B 391 -1.90 -31.83 15.71
C VAL B 391 -0.80 -30.84 16.12
N PHE B 392 -1.12 -29.56 16.07
CA PHE B 392 -0.17 -28.51 16.41
C PHE B 392 -0.19 -28.20 17.91
N ALA B 393 -1.01 -28.92 18.66
CA ALA B 393 -1.18 -28.65 20.08
C ALA B 393 0.06 -29.00 20.90
N SER B 394 0.42 -28.10 21.80
CA SER B 394 1.58 -28.29 22.67
C SER B 394 1.15 -28.56 24.10
N ASP B 395 2.11 -28.77 24.98
CA ASP B 395 1.82 -28.96 26.40
C ASP B 395 1.25 -27.66 26.98
N MET B 396 1.72 -26.54 26.46
CA MET B 396 1.26 -25.23 26.89
C MET B 396 -0.20 -25.03 26.54
N ALA B 397 -0.61 -25.53 25.38
CA ALA B 397 -1.98 -25.38 24.91
C ALA B 397 -2.95 -26.18 25.76
N ARG B 398 -2.51 -27.33 26.26
CA ARG B 398 -3.36 -28.18 27.08
C ARG B 398 -3.55 -27.60 28.48
N ARG B 399 -2.48 -27.03 29.04
CA ARG B 399 -2.55 -26.47 30.39
C ARG B 399 -3.44 -25.23 30.44
N LEU B 400 -3.30 -24.36 29.44
CA LEU B 400 -4.14 -23.16 29.35
C LEU B 400 -5.53 -23.50 28.84
N GLN B 401 -5.74 -24.78 28.52
CA GLN B 401 -7.02 -25.27 28.02
C GLN B 401 -7.46 -24.56 26.75
N LEU B 402 -6.65 -24.70 25.69
CA LEU B 402 -6.94 -24.06 24.42
C LEU B 402 -7.50 -25.06 23.41
N LEU B 403 -7.59 -26.32 23.84
CA LEU B 403 -8.12 -27.39 22.99
C LEU B 403 -9.65 -27.43 23.06
#